data_5NN6
#
_entry.id   5NN6
#
_cell.length_a   96.633
_cell.length_b   102.191
_cell.length_c   128.348
_cell.angle_alpha   90.00
_cell.angle_beta   90.00
_cell.angle_gamma   90.00
#
_symmetry.space_group_name_H-M   'P 21 21 21'
#
loop_
_entity.id
_entity.type
_entity.pdbx_description
1 polymer 'Lysosomal alpha-glucosidase'
2 branched 2-acetamido-2-deoxy-beta-D-glucopyranose-(1-4)-[alpha-L-fucopyranose-(1-6)]2-acetamido-2-deoxy-beta-D-glucopyranose
3 branched 2-acetamido-2-deoxy-beta-D-glucopyranose-(1-4)-2-acetamido-2-deoxy-beta-D-glucopyranose
4 branched beta-D-mannopyranose-(1-4)-2-acetamido-2-deoxy-beta-D-glucopyranose-(1-4)-2-acetamido-2-deoxy-beta-D-glucopyranose
5 branched alpha-L-fucopyranose-(1-6)-2-acetamido-2-deoxy-beta-D-glucopyranose
6 non-polymer (2R,3R,4R,5S)-1-(2-hydroxyethyl)-2-(hydroxymethyl)piperidine-3,4,5-triol
7 non-polymer 'SULFATE ION'
8 non-polymer 'CHLORIDE ION'
9 non-polymer 1,2-ETHANEDIOL
10 non-polymer 'TRIETHYLENE GLYCOL'
11 non-polymer GLYCEROL
12 water water
#
_entity_poly.entity_id   1
_entity_poly.type   'polypeptide(L)'
_entity_poly.pdbx_seq_one_letter_code
;QCDVPPNSRFDCAPDKAITQEQCEARGCCYIPAKQGLQGAQMGQPWCFFPPSYPSYKLENLSSSEMGYTATLTRTTPTFF
PKDILTLRLDVMMETENRLHFTIKDPANRRYEVPLETPRVHSRAPSPLYSVEFSEEPFGVIVHRQLDGRVLLNTTVAPLF
FADQFLQLSTSLPSQYITGLAEHLSPLMLSTSWTRITLWNRDLAPTPGANLYGSHPFYLALEDGGSAHGVFLLNSNAMDV
VLQPSPALSWRSTGGILDVYIFLGPEPKSVVQQYLDVVGYPFMPPYWGLGFHLCRWGYSSTAITRQVVENMTRAHFPLDV
QWNDLDYMDSRRDFTFNKDGFRDFPAMVQELHQGGRRYMMIVDPAISSSGPAGSYRPYDEGLRRGVFITNETGQPLIGKV
WPGSTAFPDFTNPTALAWWEDMVAEFHDQVPFDGMWIDMNEPSNFIRGSEDGCPNNELENPPYVPGVVGGTLQAATICAS
SHQFLSTHYNLHNLYGLTEAIASHRALVKARGTRPFVISRSTFAGHGRYAGHWTGDVWSSWEQLASSVPEILQFNLLGVP
LVGADVCGFLGNTSEELCVRWTQLGAFYPFMRNHNSLLSLPQEPYSFSEPAQQAMRKALTLRYALLPHLYTLFHQAHVAG
ETVARPLFLEFPKDSSTWTVDHQLLWGEALLITPVLQAGKAEVTGYFPLGTWYDLQTVPIEALGSLPPPPAAPREPAIHS
EGQWVTLPAPLDTINVHLRAGYIIPLQGPGLTTTESRQQPMALAVALTKGGEARGELFWDDGESLEVLERGAYTQVIFLA
RNNTIVNELVRVTSEGAGLQLQKVTVLGVATAPQQVLSNGVPVSNFTYSPDTKVLDI(CSO)VSLLMGEQFLVSWC
;
_entity_poly.pdbx_strand_id   A
#
loop_
_chem_comp.id
_chem_comp.type
_chem_comp.name
_chem_comp.formula
BMA D-saccharide, beta linking beta-D-mannopyranose 'C6 H12 O6'
CL non-polymer 'CHLORIDE ION' 'Cl -1'
EDO non-polymer 1,2-ETHANEDIOL 'C2 H6 O2'
FUC L-saccharide, alpha linking alpha-L-fucopyranose 'C6 H12 O5'
GOL non-polymer GLYCEROL 'C3 H8 O3'
MIG non-polymer (2R,3R,4R,5S)-1-(2-hydroxyethyl)-2-(hydroxymethyl)piperidine-3,4,5-triol 'C8 H17 N O5'
NAG D-saccharide, beta linking 2-acetamido-2-deoxy-beta-D-glucopyranose 'C8 H15 N O6'
PGE non-polymer 'TRIETHYLENE GLYCOL' 'C6 H14 O4'
SO4 non-polymer 'SULFATE ION' 'O4 S -2'
#
# COMPACT_ATOMS: atom_id res chain seq x y z
N GLN A 1 -1.03 -12.96 -43.75
CA GLN A 1 -1.81 -13.10 -42.47
C GLN A 1 -0.90 -13.23 -41.24
N CYS A 2 0.12 -14.08 -41.32
CA CYS A 2 0.94 -14.41 -40.17
C CYS A 2 2.23 -13.60 -40.04
N ASP A 3 2.41 -12.63 -40.93
CA ASP A 3 3.54 -11.73 -40.84
C ASP A 3 3.23 -10.71 -39.73
N VAL A 4 3.50 -11.11 -38.50
CA VAL A 4 3.28 -10.24 -37.33
C VAL A 4 4.62 -10.07 -36.63
N PRO A 5 5.01 -8.82 -36.34
CA PRO A 5 6.28 -8.61 -35.65
C PRO A 5 6.34 -9.40 -34.34
N PRO A 6 7.50 -10.04 -34.06
CA PRO A 6 7.61 -10.91 -32.91
C PRO A 6 7.02 -10.31 -31.61
N ASN A 7 7.35 -9.06 -31.31
CA ASN A 7 6.91 -8.43 -30.06
C ASN A 7 5.41 -8.15 -29.98
N SER A 8 4.74 -8.19 -31.12
CA SER A 8 3.30 -7.94 -31.22
C SER A 8 2.47 -9.21 -31.38
N ARG A 9 3.08 -10.37 -31.18
CA ARG A 9 2.36 -11.62 -31.25
C ARG A 9 1.67 -11.88 -29.95
N PHE A 10 0.35 -12.09 -30.00
CA PHE A 10 -0.43 -12.43 -28.82
C PHE A 10 -0.72 -13.91 -28.81
N ASP A 11 -0.56 -14.52 -27.63
CA ASP A 11 -0.53 -15.96 -27.46
C ASP A 11 -1.88 -16.59 -27.76
N CYS A 12 -1.92 -17.52 -28.71
CA CYS A 12 -3.14 -18.26 -29.04
C CYS A 12 -3.18 -19.63 -28.36
N ALA A 13 -2.15 -19.96 -27.57
CA ALA A 13 -2.15 -21.19 -26.78
C ALA A 13 -1.75 -20.90 -25.35
N PRO A 14 -2.50 -20.00 -24.67
CA PRO A 14 -2.19 -19.69 -23.28
C PRO A 14 -2.59 -20.84 -22.36
N ASP A 15 -3.43 -21.73 -22.86
CA ASP A 15 -4.06 -22.78 -22.07
C ASP A 15 -3.26 -24.08 -21.96
N LYS A 16 -2.42 -24.37 -22.95
CA LYS A 16 -1.72 -25.66 -23.02
C LYS A 16 -0.56 -25.63 -24.00
N ALA A 17 0.36 -26.58 -23.83
CA ALA A 17 1.40 -26.81 -24.83
C ALA A 17 0.69 -27.28 -26.09
N ILE A 18 1.16 -26.80 -27.24
CA ILE A 18 0.42 -26.97 -28.48
C ILE A 18 1.36 -27.33 -29.64
N THR A 19 0.88 -28.16 -30.56
CA THR A 19 1.64 -28.48 -31.77
C THR A 19 1.29 -27.50 -32.88
N GLN A 20 2.13 -27.46 -33.90
CA GLN A 20 1.85 -26.65 -35.08
C GLN A 20 0.48 -26.96 -35.67
N GLU A 21 0.17 -28.25 -35.79
CA GLU A 21 -1.09 -28.67 -36.39
C GLU A 21 -2.28 -28.17 -35.58
N GLN A 22 -2.24 -28.41 -34.26
CA GLN A 22 -3.29 -27.92 -33.36
C GLN A 22 -3.42 -26.39 -33.42
N CYS A 23 -2.28 -25.72 -33.39
CA CYS A 23 -2.24 -24.26 -33.50
C CYS A 23 -2.94 -23.79 -34.77
N GLU A 24 -2.58 -24.37 -35.90
CA GLU A 24 -3.17 -23.98 -37.18
C GLU A 24 -4.66 -24.36 -37.24
N ALA A 25 -5.03 -25.48 -36.61
CA ALA A 25 -6.44 -25.91 -36.51
C ALA A 25 -7.29 -24.94 -35.69
N ARG A 26 -6.66 -24.19 -34.78
CA ARG A 26 -7.36 -23.14 -34.05
C ARG A 26 -7.57 -21.87 -34.87
N GLY A 27 -7.03 -21.84 -36.09
CA GLY A 27 -6.99 -20.62 -36.89
C GLY A 27 -5.84 -19.69 -36.51
N CYS A 28 -4.81 -20.23 -35.89
CA CYS A 28 -3.67 -19.41 -35.46
C CYS A 28 -2.38 -19.68 -36.24
N CYS A 29 -1.44 -18.75 -36.11
CA CYS A 29 -0.16 -18.78 -36.77
C CYS A 29 0.86 -19.48 -35.89
N TYR A 30 1.69 -20.32 -36.52
CA TYR A 30 2.74 -21.01 -35.83
C TYR A 30 4.10 -20.60 -36.39
N ILE A 31 4.89 -19.87 -35.60
CA ILE A 31 6.21 -19.45 -36.02
C ILE A 31 7.10 -19.55 -34.80
N PRO A 32 8.01 -20.54 -34.79
CA PRO A 32 8.87 -20.64 -33.61
C PRO A 32 9.68 -19.37 -33.36
N ALA A 33 9.87 -19.02 -32.09
CA ALA A 33 10.81 -17.98 -31.72
C ALA A 33 12.20 -18.41 -32.18
N LYS A 34 13.08 -17.45 -32.42
CA LYS A 34 14.43 -17.78 -32.90
C LYS A 34 15.41 -18.05 -31.76
N GLN A 35 14.95 -17.87 -30.52
CA GLN A 35 15.70 -18.16 -29.31
C GLN A 35 14.73 -18.53 -28.20
N GLY A 43 7.79 -16.69 -22.53
CA GLY A 43 8.53 -15.93 -23.58
C GLY A 43 7.60 -15.64 -24.76
N GLN A 44 8.17 -15.31 -25.89
CA GLN A 44 7.40 -14.99 -27.08
C GLN A 44 6.56 -16.21 -27.50
N PRO A 45 5.26 -16.02 -27.78
CA PRO A 45 4.47 -17.19 -28.13
C PRO A 45 4.78 -17.71 -29.53
N TRP A 46 4.88 -19.02 -29.66
CA TRP A 46 5.09 -19.65 -30.95
C TRP A 46 3.78 -19.74 -31.72
N CYS A 47 2.68 -19.90 -30.98
CA CYS A 47 1.34 -19.93 -31.55
C CYS A 47 0.61 -18.61 -31.26
N PHE A 48 0.27 -17.84 -32.29
CA PHE A 48 -0.30 -16.52 -32.10
C PHE A 48 -1.45 -16.18 -33.04
N PHE A 49 -2.23 -15.18 -32.65
CA PHE A 49 -3.41 -14.81 -33.41
C PHE A 49 -3.02 -14.06 -34.69
N PRO A 50 -3.55 -14.48 -35.85
CA PRO A 50 -3.44 -13.57 -36.97
C PRO A 50 -4.39 -12.39 -36.77
N PRO A 51 -4.16 -11.29 -37.49
CA PRO A 51 -5.07 -10.15 -37.46
C PRO A 51 -6.54 -10.49 -37.76
N SER A 52 -6.79 -11.59 -38.47
CA SER A 52 -8.14 -12.02 -38.82
C SER A 52 -8.79 -12.98 -37.82
N TYR A 53 -8.13 -13.28 -36.70
CA TYR A 53 -8.68 -14.25 -35.77
C TYR A 53 -10.06 -13.77 -35.32
N PRO A 54 -11.04 -14.68 -35.27
CA PRO A 54 -12.40 -14.23 -34.93
C PRO A 54 -12.49 -13.59 -33.54
N SER A 55 -13.05 -12.39 -33.49
CA SER A 55 -13.28 -11.70 -32.23
C SER A 55 -14.77 -11.46 -32.07
N TYR A 56 -15.14 -10.40 -31.36
CA TYR A 56 -16.52 -9.94 -31.34
C TYR A 56 -16.70 -8.80 -32.36
N LYS A 57 -17.93 -8.65 -32.83
CA LYS A 57 -18.27 -7.56 -33.74
C LYS A 57 -19.19 -6.59 -32.99
N LEU A 58 -18.93 -5.30 -33.16
CA LEU A 58 -19.75 -4.25 -32.56
C LEU A 58 -21.01 -4.06 -33.39
N GLU A 59 -22.17 -4.05 -32.74
CA GLU A 59 -23.46 -3.84 -33.40
C GLU A 59 -24.36 -2.93 -32.57
N ASN A 60 -25.14 -2.12 -33.27
CA ASN A 60 -26.11 -1.25 -32.65
C ASN A 60 -25.54 -0.30 -31.59
N LEU A 61 -24.39 0.32 -31.90
CA LEU A 61 -23.85 1.37 -31.07
C LEU A 61 -24.87 2.49 -31.01
N SER A 62 -25.15 2.95 -29.79
CA SER A 62 -26.13 4.02 -29.57
CA SER A 62 -26.14 3.99 -29.54
C SER A 62 -25.65 4.93 -28.46
N SER A 63 -26.12 6.18 -28.51
CA SER A 63 -25.68 7.20 -27.58
C SER A 63 -26.75 7.49 -26.55
N SER A 64 -26.34 7.61 -25.30
CA SER A 64 -27.20 8.04 -24.18
C SER A 64 -26.57 9.27 -23.53
N GLU A 65 -27.26 9.86 -22.57
CA GLU A 65 -26.69 10.97 -21.79
C GLU A 65 -25.40 10.57 -21.09
N MET A 66 -25.30 9.32 -20.66
CA MET A 66 -24.08 8.82 -20.00
C MET A 66 -22.90 8.63 -20.95
N GLY A 67 -23.19 8.16 -22.16
CA GLY A 67 -22.16 7.84 -23.12
C GLY A 67 -22.70 6.91 -24.20
N TYR A 68 -22.38 5.63 -24.11
CA TYR A 68 -22.69 4.69 -25.19
C TYR A 68 -23.11 3.34 -24.69
N THR A 69 -23.91 2.68 -25.52
CA THR A 69 -24.24 1.27 -25.35
CA THR A 69 -24.24 1.28 -25.33
C THR A 69 -24.14 0.57 -26.69
N ALA A 70 -23.86 -0.72 -26.64
CA ALA A 70 -23.81 -1.53 -27.83
C ALA A 70 -23.91 -3.01 -27.51
N THR A 71 -24.17 -3.77 -28.56
CA THR A 71 -24.11 -5.22 -28.50
C THR A 71 -22.82 -5.69 -29.15
N LEU A 72 -22.23 -6.74 -28.59
CA LEU A 72 -21.04 -7.38 -29.15
C LEU A 72 -21.39 -8.83 -29.42
N THR A 73 -21.08 -9.28 -30.64
CA THR A 73 -21.46 -10.62 -31.08
C THR A 73 -20.25 -11.38 -31.58
N ARG A 74 -20.03 -12.56 -31.01
CA ARG A 74 -19.03 -13.49 -31.50
C ARG A 74 -19.78 -14.54 -32.31
N THR A 75 -19.29 -14.82 -33.50
CA THR A 75 -19.93 -15.82 -34.34
C THR A 75 -19.11 -17.10 -34.48
N THR A 76 -17.79 -17.05 -34.29
CA THR A 76 -16.98 -18.27 -34.28
C THR A 76 -16.50 -18.54 -32.86
N PRO A 77 -16.83 -19.72 -32.30
CA PRO A 77 -16.37 -19.96 -30.93
C PRO A 77 -14.86 -19.96 -30.80
N THR A 78 -14.37 -19.68 -29.60
CA THR A 78 -12.95 -19.81 -29.27
C THR A 78 -12.66 -21.27 -28.86
N PHE A 79 -11.44 -21.54 -28.41
CA PHE A 79 -11.04 -22.89 -27.93
C PHE A 79 -11.33 -23.07 -26.45
N PHE A 80 -11.92 -22.08 -25.79
CA PHE A 80 -12.40 -22.27 -24.40
C PHE A 80 -13.85 -22.68 -24.41
N PRO A 81 -14.28 -23.45 -23.40
CA PRO A 81 -15.69 -23.80 -23.29
C PRO A 81 -16.53 -22.61 -22.87
N LYS A 82 -17.81 -22.64 -23.21
CA LYS A 82 -18.81 -21.66 -22.74
C LYS A 82 -18.52 -20.21 -23.10
N ASP A 83 -18.16 -19.95 -24.36
CA ASP A 83 -18.13 -18.58 -24.88
C ASP A 83 -19.49 -17.97 -24.63
N ILE A 84 -19.51 -16.70 -24.26
CA ILE A 84 -20.74 -15.95 -24.18
C ILE A 84 -20.82 -15.14 -25.46
N LEU A 85 -21.66 -15.61 -26.39
CA LEU A 85 -21.61 -15.13 -27.77
C LEU A 85 -22.21 -13.73 -27.95
N THR A 86 -23.14 -13.34 -27.07
CA THR A 86 -23.73 -12.01 -27.10
C THR A 86 -23.42 -11.29 -25.80
N LEU A 87 -22.80 -10.12 -25.92
CA LEU A 87 -22.44 -9.30 -24.79
C LEU A 87 -23.02 -7.91 -24.94
N ARG A 88 -23.07 -7.19 -23.83
CA ARG A 88 -23.49 -5.81 -23.84
C ARG A 88 -22.32 -4.93 -23.40
N LEU A 89 -22.08 -3.87 -24.16
CA LEU A 89 -21.10 -2.85 -23.83
C LEU A 89 -21.78 -1.59 -23.31
N ASP A 90 -21.26 -1.05 -22.21
CA ASP A 90 -21.75 0.21 -21.66
C ASP A 90 -20.53 1.09 -21.36
N VAL A 91 -20.54 2.28 -21.96
CA VAL A 91 -19.47 3.27 -21.81
C VAL A 91 -20.06 4.51 -21.13
N MET A 92 -19.43 4.88 -20.02
CA MET A 92 -19.91 5.97 -19.19
C MET A 92 -18.78 6.98 -18.99
N MET A 93 -19.04 8.17 -19.49
CA MET A 93 -18.10 9.29 -19.40
C MET A 93 -18.38 10.01 -18.10
N GLU A 94 -17.78 9.51 -17.02
CA GLU A 94 -18.26 9.86 -15.69
C GLU A 94 -17.78 11.21 -15.19
N THR A 95 -16.51 11.53 -15.42
CA THR A 95 -16.00 12.86 -15.12
C THR A 95 -15.05 13.27 -16.23
N GLU A 96 -14.52 14.48 -16.16
CA GLU A 96 -13.56 14.88 -17.18
C GLU A 96 -12.28 14.00 -17.12
N ASN A 97 -12.03 13.36 -15.97
CA ASN A 97 -10.81 12.56 -15.77
C ASN A 97 -11.04 11.06 -15.80
N ARG A 98 -12.30 10.64 -15.67
CA ARG A 98 -12.63 9.24 -15.48
C ARG A 98 -13.60 8.71 -16.52
N LEU A 99 -13.13 7.71 -17.26
CA LEU A 99 -13.89 6.98 -18.23
C LEU A 99 -14.09 5.56 -17.68
N HIS A 100 -15.30 5.05 -17.81
CA HIS A 100 -15.71 3.78 -17.24
C HIS A 100 -16.47 2.98 -18.28
N PHE A 101 -16.06 1.75 -18.55
CA PHE A 101 -16.87 0.89 -19.39
C PHE A 101 -16.97 -0.50 -18.83
N THR A 102 -18.08 -1.16 -19.16
CA THR A 102 -18.30 -2.54 -18.76
C THR A 102 -18.73 -3.37 -19.95
N ILE A 103 -18.30 -4.62 -19.91
CA ILE A 103 -18.76 -5.65 -20.84
C ILE A 103 -19.35 -6.78 -20.01
N LYS A 104 -20.62 -7.05 -20.25
CA LYS A 104 -21.44 -7.95 -19.45
C LYS A 104 -22.23 -8.89 -20.33
N ASP A 105 -22.74 -9.95 -19.70
CA ASP A 105 -23.69 -10.86 -20.32
C ASP A 105 -25.10 -10.32 -20.08
N PRO A 106 -25.76 -9.84 -21.14
CA PRO A 106 -27.11 -9.26 -20.92
C PRO A 106 -28.15 -10.31 -20.52
N ALA A 107 -27.89 -11.59 -20.78
CA ALA A 107 -28.87 -12.62 -20.47
C ALA A 107 -28.70 -13.18 -19.05
N ASN A 108 -27.60 -12.89 -18.38
CA ASN A 108 -27.33 -13.49 -17.06
C ASN A 108 -26.53 -12.57 -16.17
N ARG A 109 -27.03 -12.37 -14.96
CA ARG A 109 -26.30 -11.62 -13.97
C ARG A 109 -25.07 -12.47 -13.65
N ARG A 110 -23.89 -11.91 -13.83
CA ARG A 110 -22.65 -12.63 -13.50
C ARG A 110 -22.08 -12.01 -12.23
N TYR A 111 -21.10 -12.66 -11.62
CA TYR A 111 -20.51 -12.15 -10.40
C TYR A 111 -19.85 -10.78 -10.67
N GLU A 112 -20.12 -9.86 -9.76
CA GLU A 112 -19.49 -8.55 -9.74
C GLU A 112 -18.99 -8.25 -8.34
N VAL A 113 -17.85 -7.58 -8.25
CA VAL A 113 -17.21 -7.29 -6.97
C VAL A 113 -18.17 -6.45 -6.15
N PRO A 114 -18.46 -6.87 -4.91
CA PRO A 114 -19.46 -6.12 -4.16
C PRO A 114 -18.96 -4.74 -3.74
N LEU A 115 -19.90 -3.81 -3.67
CA LEU A 115 -19.64 -2.46 -3.21
C LEU A 115 -20.49 -2.21 -1.97
N ALA A 124 -11.07 24.89 -21.05
CA ALA A 124 -12.23 24.57 -21.89
C ALA A 124 -12.96 23.33 -21.34
N PRO A 125 -14.30 23.35 -21.31
CA PRO A 125 -15.04 22.20 -20.75
C PRO A 125 -15.09 20.99 -21.70
N SER A 126 -14.34 19.94 -21.38
CA SER A 126 -14.29 18.73 -22.22
C SER A 126 -13.51 17.69 -21.44
N PRO A 127 -13.87 16.41 -21.58
CA PRO A 127 -13.04 15.42 -20.88
C PRO A 127 -11.61 15.44 -21.41
N LEU A 128 -10.69 14.89 -20.61
CA LEU A 128 -9.30 14.73 -21.02
C LEU A 128 -9.12 13.59 -22.04
N TYR A 129 -10.14 12.76 -22.18
CA TYR A 129 -10.10 11.58 -23.05
C TYR A 129 -11.05 11.78 -24.22
N SER A 130 -10.81 11.02 -25.28
CA SER A 130 -11.83 10.81 -26.29
C SER A 130 -11.86 9.33 -26.58
N VAL A 131 -13.02 8.84 -27.01
CA VAL A 131 -13.19 7.41 -27.18
C VAL A 131 -13.74 7.13 -28.57
N GLU A 132 -13.19 6.13 -29.24
CA GLU A 132 -13.70 5.64 -30.52
C GLU A 132 -13.78 4.12 -30.44
N PHE A 133 -14.45 3.50 -31.39
CA PHE A 133 -14.58 2.04 -31.37
C PHE A 133 -14.21 1.44 -32.71
N SER A 134 -13.54 0.31 -32.67
CA SER A 134 -13.37 -0.52 -33.84
C SER A 134 -14.56 -1.45 -33.92
N GLU A 135 -15.06 -1.65 -35.13
CA GLU A 135 -16.29 -2.41 -35.38
C GLU A 135 -16.02 -3.92 -35.46
N GLU A 136 -15.02 -4.30 -36.24
CA GLU A 136 -14.73 -5.71 -36.43
C GLU A 136 -13.28 -5.84 -36.88
N PRO A 137 -12.40 -6.37 -36.02
CA PRO A 137 -12.67 -6.87 -34.68
C PRO A 137 -12.97 -5.75 -33.72
N PHE A 138 -13.80 -6.03 -32.73
CA PHE A 138 -14.19 -5.01 -31.78
C PHE A 138 -13.01 -4.52 -30.94
N GLY A 139 -12.95 -3.20 -30.75
CA GLY A 139 -12.04 -2.63 -29.79
C GLY A 139 -12.48 -1.27 -29.25
N VAL A 140 -12.05 -0.95 -28.04
CA VAL A 140 -12.21 0.39 -27.48
C VAL A 140 -10.89 1.10 -27.62
N ILE A 141 -10.94 2.33 -28.14
CA ILE A 141 -9.73 3.13 -28.34
C ILE A 141 -9.88 4.42 -27.56
N VAL A 142 -8.97 4.69 -26.64
CA VAL A 142 -9.02 5.91 -25.83
C VAL A 142 -7.80 6.76 -26.13
N HIS A 143 -8.04 7.97 -26.60
CA HIS A 143 -7.00 8.97 -26.84
C HIS A 143 -6.91 9.96 -25.69
N ARG A 144 -5.71 10.42 -25.39
CA ARG A 144 -5.54 11.65 -24.61
C ARG A 144 -5.87 12.79 -25.57
N GLN A 145 -6.86 13.62 -25.24
CA GLN A 145 -7.34 14.66 -26.15
C GLN A 145 -6.23 15.68 -26.43
N LEU A 146 -5.46 16.04 -25.40
CA LEU A 146 -4.51 17.15 -25.52
C LEU A 146 -3.43 16.93 -26.60
N ASP A 147 -2.88 15.72 -26.69
CA ASP A 147 -1.78 15.42 -27.64
C ASP A 147 -2.09 14.28 -28.62
N GLY A 148 -3.32 13.78 -28.61
CA GLY A 148 -3.69 12.64 -29.45
C GLY A 148 -3.05 11.29 -29.12
N ARG A 149 -2.37 11.14 -27.99
CA ARG A 149 -1.67 9.88 -27.70
C ARG A 149 -2.70 8.77 -27.48
N VAL A 150 -2.45 7.61 -28.08
CA VAL A 150 -3.30 6.45 -27.90
C VAL A 150 -2.95 5.80 -26.57
N LEU A 151 -3.89 5.80 -25.63
CA LEU A 151 -3.66 5.25 -24.30
C LEU A 151 -4.14 3.81 -24.16
N LEU A 152 -5.39 3.57 -24.56
CA LEU A 152 -5.98 2.25 -24.62
C LEU A 152 -6.37 1.94 -26.06
N ASN A 153 -6.12 0.71 -26.49
CA ASN A 153 -6.57 0.26 -27.80
C ASN A 153 -6.76 -1.24 -27.73
N THR A 154 -8.01 -1.67 -27.52
CA THR A 154 -8.24 -3.08 -27.26
C THR A 154 -8.42 -3.88 -28.54
N THR A 155 -8.30 -3.19 -29.68
CA THR A 155 -8.35 -3.85 -30.99
C THR A 155 -7.13 -4.73 -31.27
N VAL A 156 -6.05 -4.55 -30.50
CA VAL A 156 -4.76 -5.22 -30.78
C VAL A 156 -4.83 -6.74 -30.66
N ALA A 157 -5.85 -7.26 -29.99
CA ALA A 157 -6.04 -8.70 -29.87
C ALA A 157 -7.51 -9.03 -29.72
N PRO A 158 -7.88 -10.31 -29.88
CA PRO A 158 -9.30 -10.69 -29.78
C PRO A 158 -9.84 -10.48 -28.38
N LEU A 159 -11.14 -10.23 -28.29
CA LEU A 159 -11.82 -10.26 -27.01
C LEU A 159 -12.30 -11.69 -26.75
N PHE A 160 -11.85 -12.28 -25.64
CA PHE A 160 -12.39 -13.54 -25.15
C PHE A 160 -13.31 -13.22 -24.02
N PHE A 161 -14.49 -13.84 -24.03
CA PHE A 161 -15.45 -13.71 -22.94
C PHE A 161 -16.21 -15.01 -22.86
N ALA A 162 -15.63 -15.94 -22.10
CA ALA A 162 -16.23 -17.23 -21.77
C ALA A 162 -16.51 -17.27 -20.27
N ASP A 163 -17.34 -18.23 -19.86
CA ASP A 163 -17.78 -18.29 -18.46
C ASP A 163 -16.62 -18.18 -17.48
N GLN A 164 -15.53 -18.91 -17.74
CA GLN A 164 -14.37 -18.87 -16.85
C GLN A 164 -13.08 -18.38 -17.53
N PHE A 165 -13.20 -17.54 -18.54
CA PHE A 165 -12.02 -16.93 -19.15
C PHE A 165 -12.39 -15.64 -19.87
N LEU A 166 -11.92 -14.53 -19.33
CA LEU A 166 -12.06 -13.23 -19.95
C LEU A 166 -10.66 -12.79 -20.34
N GLN A 167 -10.49 -12.29 -21.56
CA GLN A 167 -9.24 -11.69 -21.96
C GLN A 167 -9.51 -10.43 -22.75
N LEU A 168 -8.86 -9.35 -22.31
CA LEU A 168 -8.96 -8.06 -22.93
C LEU A 168 -7.54 -7.55 -23.00
N SER A 169 -7.11 -7.12 -24.19
CA SER A 169 -5.74 -6.61 -24.34
C SER A 169 -5.73 -5.16 -24.73
N THR A 170 -4.57 -4.52 -24.58
CA THR A 170 -4.35 -3.16 -25.06
C THR A 170 -2.90 -2.91 -25.38
N SER A 171 -2.68 -2.00 -26.32
CA SER A 171 -1.37 -1.37 -26.45
C SER A 171 -1.11 -0.54 -25.17
N LEU A 172 0.18 -0.38 -24.86
CA LEU A 172 0.62 0.49 -23.79
C LEU A 172 1.40 1.66 -24.43
N PRO A 173 1.36 2.84 -23.80
CA PRO A 173 1.94 4.02 -24.44
C PRO A 173 3.46 4.09 -24.30
N SER A 174 4.02 3.28 -23.41
CA SER A 174 5.47 3.22 -23.23
C SER A 174 5.86 1.91 -22.55
N GLN A 175 7.16 1.73 -22.36
CA GLN A 175 7.70 0.55 -21.67
C GLN A 175 7.63 0.68 -20.14
N TYR A 176 7.02 1.77 -19.66
CA TYR A 176 7.01 2.09 -18.23
C TYR A 176 5.63 1.95 -17.62
N ILE A 177 5.50 0.95 -16.75
CA ILE A 177 4.23 0.60 -16.15
C ILE A 177 4.48 0.09 -14.73
N THR A 178 3.64 0.54 -13.79
CA THR A 178 3.76 0.14 -12.39
C THR A 178 2.38 -0.26 -11.86
N GLY A 179 2.36 -1.12 -10.84
CA GLY A 179 1.13 -1.56 -10.22
C GLY A 179 1.05 -3.07 -10.13
N LEU A 180 -0.18 -3.58 -10.15
CA LEU A 180 -0.43 -5.02 -10.19
C LEU A 180 0.25 -5.76 -9.02
N ALA A 181 0.09 -5.21 -7.82
CA ALA A 181 0.53 -5.86 -6.60
C ALA A 181 -0.26 -7.16 -6.37
N GLU A 182 0.23 -8.08 -5.52
CA GLU A 182 1.44 -7.96 -4.72
C GLU A 182 2.50 -8.93 -5.23
N HIS A 183 3.66 -8.37 -5.62
CA HIS A 183 4.79 -9.15 -6.14
C HIS A 183 6.07 -8.45 -5.72
N LEU A 184 7.13 -9.24 -5.61
CA LEU A 184 8.46 -8.73 -5.30
C LEU A 184 9.12 -8.41 -6.63
N SER A 185 9.18 -7.12 -6.97
CA SER A 185 9.74 -6.70 -8.23
C SER A 185 10.16 -5.25 -8.17
N PRO A 186 10.91 -4.78 -9.19
CA PRO A 186 11.13 -3.34 -9.29
C PRO A 186 9.79 -2.61 -9.36
N LEU A 187 9.80 -1.33 -9.02
CA LEU A 187 8.58 -0.51 -9.10
C LEU A 187 8.03 -0.51 -10.53
N MET A 188 8.91 -0.33 -11.51
CA MET A 188 8.55 -0.41 -12.91
C MET A 188 8.59 -1.88 -13.33
N LEU A 189 7.49 -2.38 -13.85
CA LEU A 189 7.37 -3.79 -14.19
C LEU A 189 8.06 -4.10 -15.51
N SER A 190 8.63 -5.30 -15.61
CA SER A 190 9.24 -5.72 -16.86
C SER A 190 8.20 -6.08 -17.91
N THR A 191 8.32 -5.48 -19.09
CA THR A 191 7.44 -5.81 -20.22
C THR A 191 7.97 -6.97 -21.08
N SER A 192 9.03 -7.66 -20.65
CA SER A 192 9.64 -8.74 -21.44
C SER A 192 8.94 -10.08 -21.24
N TRP A 193 7.71 -10.18 -21.74
CA TRP A 193 6.93 -11.42 -21.68
C TRP A 193 6.78 -11.87 -20.24
N THR A 194 6.18 -11.02 -19.42
CA THR A 194 6.11 -11.24 -17.99
C THR A 194 4.68 -11.65 -17.69
N ARG A 195 4.52 -12.70 -16.91
CA ARG A 195 3.19 -13.10 -16.45
C ARG A 195 3.05 -12.73 -14.98
N ILE A 196 2.08 -11.86 -14.68
CA ILE A 196 1.86 -11.36 -13.32
C ILE A 196 0.55 -11.95 -12.80
N THR A 197 0.64 -12.72 -11.72
CA THR A 197 -0.50 -13.51 -11.22
C THR A 197 -1.09 -12.92 -9.94
N LEU A 198 -2.40 -12.66 -9.99
CA LEU A 198 -3.18 -12.16 -8.86
C LEU A 198 -4.05 -13.28 -8.28
N TRP A 199 -3.55 -13.88 -7.20
CA TRP A 199 -4.30 -14.87 -6.45
C TRP A 199 -3.70 -14.89 -5.06
N ASN A 200 -4.40 -14.32 -4.10
CA ASN A 200 -3.85 -14.13 -2.77
C ASN A 200 -3.34 -15.43 -2.18
N ARG A 201 -2.09 -15.40 -1.72
CA ARG A 201 -1.35 -16.59 -1.37
C ARG A 201 -0.36 -16.34 -0.25
N ASP A 202 -0.38 -17.23 0.74
CA ASP A 202 0.59 -17.22 1.83
C ASP A 202 1.90 -17.79 1.26
N LEU A 203 2.86 -16.91 0.98
CA LEU A 203 4.20 -17.29 0.56
C LEU A 203 5.19 -16.21 0.92
N ALA A 204 6.34 -16.59 1.48
CA ALA A 204 7.36 -15.60 1.77
C ALA A 204 7.74 -14.87 0.47
N PRO A 205 7.77 -13.52 0.51
CA PRO A 205 8.04 -12.80 -0.74
C PRO A 205 9.29 -13.27 -1.47
N THR A 206 9.09 -13.56 -2.75
CA THR A 206 10.12 -14.08 -3.64
C THR A 206 9.66 -13.70 -5.06
N PRO A 207 10.59 -13.47 -5.99
CA PRO A 207 10.18 -12.97 -7.32
C PRO A 207 9.39 -13.97 -8.13
N GLY A 208 8.56 -13.49 -9.03
CA GLY A 208 7.82 -14.34 -9.97
C GLY A 208 6.57 -15.01 -9.39
N ALA A 209 6.23 -14.69 -8.14
CA ALA A 209 5.18 -15.41 -7.39
C ALA A 209 4.00 -14.54 -7.01
N ASN A 210 2.80 -15.11 -7.05
CA ASN A 210 1.63 -14.47 -6.47
C ASN A 210 1.75 -14.42 -4.95
N LEU A 211 1.71 -13.21 -4.40
CA LEU A 211 1.88 -13.06 -2.95
C LEU A 211 0.53 -12.83 -2.25
N TYR A 212 0.56 -12.11 -1.14
CA TYR A 212 -0.57 -12.11 -0.22
C TYR A 212 -1.79 -11.31 -0.72
N GLY A 213 -1.56 -10.32 -1.57
CA GLY A 213 -2.61 -9.42 -2.05
C GLY A 213 -2.68 -9.36 -3.55
N SER A 214 -3.71 -8.68 -4.04
CA SER A 214 -4.02 -8.54 -5.46
C SER A 214 -4.64 -7.16 -5.72
N HIS A 215 -4.00 -6.37 -6.58
CA HIS A 215 -4.46 -5.03 -6.91
C HIS A 215 -4.44 -4.87 -8.43
N PRO A 216 -5.59 -5.11 -9.08
CA PRO A 216 -5.66 -5.06 -10.55
C PRO A 216 -5.73 -3.63 -11.07
N PHE A 217 -4.67 -2.88 -10.79
CA PHE A 217 -4.53 -1.49 -11.23
C PHE A 217 -3.12 -1.27 -11.77
N TYR A 218 -3.00 -0.58 -12.89
CA TYR A 218 -1.72 -0.07 -13.33
C TYR A 218 -1.73 1.41 -13.66
N LEU A 219 -0.55 2.01 -13.51
CA LEU A 219 -0.29 3.38 -13.92
C LEU A 219 0.78 3.29 -15.01
N ALA A 220 0.49 3.88 -16.17
CA ALA A 220 1.36 3.81 -17.34
C ALA A 220 1.85 5.22 -17.63
N LEU A 221 3.17 5.35 -17.73
CA LEU A 221 3.77 6.63 -18.06
C LEU A 221 3.84 6.84 -19.56
N GLU A 222 3.78 8.11 -19.95
CA GLU A 222 3.79 8.53 -21.34
C GLU A 222 4.97 9.46 -21.56
N ASP A 223 5.58 9.35 -22.74
CA ASP A 223 6.70 10.22 -23.12
C ASP A 223 6.34 11.67 -22.82
N GLY A 224 7.19 12.37 -22.10
CA GLY A 224 6.90 13.75 -21.71
C GLY A 224 6.50 13.90 -20.24
N GLY A 225 6.00 12.83 -19.64
CA GLY A 225 5.72 12.84 -18.20
C GLY A 225 4.26 12.88 -17.83
N SER A 226 3.36 12.79 -18.80
CA SER A 226 1.96 12.52 -18.48
C SER A 226 1.80 11.03 -18.20
N ALA A 227 0.66 10.67 -17.61
CA ALA A 227 0.37 9.30 -17.25
C ALA A 227 -1.12 9.08 -17.19
N HIS A 228 -1.51 7.82 -17.29
CA HIS A 228 -2.90 7.42 -17.03
C HIS A 228 -2.89 6.13 -16.21
N GLY A 229 -4.05 5.78 -15.67
CA GLY A 229 -4.20 4.55 -14.91
C GLY A 229 -5.39 3.74 -15.40
N VAL A 230 -5.31 2.43 -15.19
CA VAL A 230 -6.41 1.53 -15.52
C VAL A 230 -6.69 0.59 -14.36
N PHE A 231 -7.96 0.52 -13.94
CA PHE A 231 -8.40 -0.38 -12.90
C PHE A 231 -9.38 -1.36 -13.54
N LEU A 232 -9.07 -2.65 -13.45
CA LEU A 232 -10.02 -3.69 -13.80
C LEU A 232 -10.68 -4.16 -12.53
N LEU A 233 -11.94 -3.79 -12.33
CA LEU A 233 -12.66 -4.13 -11.09
C LEU A 233 -13.15 -5.56 -11.21
N ASN A 234 -12.24 -6.49 -10.93
CA ASN A 234 -12.49 -7.93 -11.07
C ASN A 234 -11.65 -8.63 -9.99
N SER A 235 -12.28 -9.49 -9.20
CA SER A 235 -11.60 -10.11 -8.05
C SER A 235 -11.24 -11.57 -8.28
N ASN A 236 -11.41 -12.06 -9.51
CA ASN A 236 -11.14 -13.46 -9.80
C ASN A 236 -9.63 -13.68 -9.94
N ALA A 237 -9.21 -14.94 -9.82
CA ALA A 237 -7.82 -15.29 -10.12
C ALA A 237 -7.55 -14.78 -11.53
N MET A 238 -6.42 -14.10 -11.71
CA MET A 238 -6.05 -13.60 -13.03
C MET A 238 -4.55 -13.59 -13.27
N ASP A 239 -4.21 -13.66 -14.56
CA ASP A 239 -2.87 -13.40 -15.06
C ASP A 239 -2.96 -12.06 -15.78
N VAL A 240 -1.95 -11.24 -15.59
CA VAL A 240 -1.75 -10.06 -16.43
C VAL A 240 -0.41 -10.27 -17.14
N VAL A 241 -0.47 -10.25 -18.46
CA VAL A 241 0.68 -10.57 -19.30
C VAL A 241 1.17 -9.33 -20.04
N LEU A 242 2.43 -8.98 -19.82
CA LEU A 242 3.04 -7.80 -20.39
C LEU A 242 4.00 -8.24 -21.48
N GLN A 243 3.97 -7.56 -22.63
CA GLN A 243 4.90 -7.90 -23.72
C GLN A 243 5.52 -6.64 -24.32
N PRO A 244 6.68 -6.81 -25.02
CA PRO A 244 7.49 -5.63 -25.30
C PRO A 244 7.07 -4.74 -26.48
N SER A 245 5.94 -4.98 -27.12
CA SER A 245 5.54 -4.14 -28.25
C SER A 245 5.44 -2.63 -28.01
N PRO A 246 5.01 -2.17 -26.81
CA PRO A 246 4.55 -2.80 -25.58
C PRO A 246 3.02 -2.94 -25.52
N ALA A 247 2.57 -3.96 -24.79
CA ALA A 247 1.16 -4.26 -24.70
C ALA A 247 0.88 -5.06 -23.45
N LEU A 248 -0.40 -5.17 -23.09
CA LEU A 248 -0.82 -5.83 -21.87
C LEU A 248 -2.09 -6.62 -22.17
N SER A 249 -2.23 -7.78 -21.55
CA SER A 249 -3.42 -8.61 -21.65
C SER A 249 -3.91 -8.92 -20.25
N TRP A 250 -5.16 -8.58 -19.97
CA TRP A 250 -5.83 -9.01 -18.75
C TRP A 250 -6.45 -10.37 -19.02
N ARG A 251 -6.16 -11.35 -18.16
CA ARG A 251 -6.70 -12.70 -18.32
C ARG A 251 -7.31 -13.15 -17.03
N SER A 252 -8.62 -13.06 -16.93
CA SER A 252 -9.30 -13.40 -15.69
C SER A 252 -10.12 -14.67 -15.84
N THR A 253 -10.35 -15.33 -14.72
CA THR A 253 -11.04 -16.61 -14.67
C THR A 253 -12.52 -16.51 -14.34
N GLY A 254 -13.06 -15.29 -14.24
CA GLY A 254 -14.48 -15.16 -14.03
C GLY A 254 -14.97 -13.71 -14.05
N GLY A 255 -16.20 -13.52 -13.59
CA GLY A 255 -16.76 -12.18 -13.41
C GLY A 255 -17.01 -11.50 -14.73
N ILE A 256 -16.91 -10.17 -14.73
CA ILE A 256 -17.13 -9.36 -15.93
C ILE A 256 -15.92 -8.45 -16.18
N LEU A 257 -15.93 -7.78 -17.32
CA LEU A 257 -14.94 -6.74 -17.58
C LEU A 257 -15.58 -5.43 -17.13
N ASP A 258 -14.97 -4.83 -16.12
CA ASP A 258 -15.41 -3.56 -15.57
C ASP A 258 -14.16 -2.69 -15.45
N VAL A 259 -14.03 -1.75 -16.37
CA VAL A 259 -12.78 -1.05 -16.60
C VAL A 259 -12.91 0.44 -16.37
N TYR A 260 -12.01 0.99 -15.55
CA TYR A 260 -11.88 2.42 -15.32
C TYR A 260 -10.57 2.92 -15.87
N ILE A 261 -10.62 4.03 -16.62
CA ILE A 261 -9.42 4.71 -17.10
C ILE A 261 -9.35 6.10 -16.48
N PHE A 262 -8.22 6.41 -15.85
CA PHE A 262 -7.96 7.69 -15.19
C PHE A 262 -6.93 8.51 -15.99
N LEU A 263 -7.31 9.72 -16.38
CA LEU A 263 -6.55 10.49 -17.37
C LEU A 263 -5.44 11.38 -16.81
N GLY A 264 -5.34 11.50 -15.49
CA GLY A 264 -4.23 12.24 -14.89
C GLY A 264 -4.45 13.72 -15.16
N PRO A 265 -3.53 14.38 -15.89
CA PRO A 265 -2.37 13.89 -16.61
C PRO A 265 -1.12 13.63 -15.75
N GLU A 266 -1.08 14.17 -14.54
CA GLU A 266 0.07 13.99 -13.66
C GLU A 266 -0.06 12.67 -12.93
N PRO A 267 1.05 11.95 -12.75
CA PRO A 267 0.96 10.69 -12.04
C PRO A 267 0.24 10.83 -10.68
N LYS A 268 0.48 11.91 -9.94
CA LYS A 268 -0.17 12.08 -8.64
C LYS A 268 -1.69 12.18 -8.81
N SER A 269 -2.12 12.81 -9.91
CA SER A 269 -3.53 12.96 -10.21
C SER A 269 -4.15 11.63 -10.62
N VAL A 270 -3.39 10.83 -11.36
CA VAL A 270 -3.83 9.47 -11.66
C VAL A 270 -4.16 8.70 -10.39
N VAL A 271 -3.24 8.73 -9.43
CA VAL A 271 -3.41 7.99 -8.18
C VAL A 271 -4.63 8.53 -7.42
N GLN A 272 -4.73 9.84 -7.28
CA GLN A 272 -5.88 10.47 -6.62
C GLN A 272 -7.21 10.08 -7.30
N GLN A 273 -7.22 10.09 -8.64
CA GLN A 273 -8.42 9.72 -9.38
C GLN A 273 -8.82 8.26 -9.15
N TYR A 274 -7.83 7.37 -9.14
CA TYR A 274 -8.06 5.98 -8.78
C TYR A 274 -8.64 5.85 -7.37
N LEU A 275 -8.05 6.57 -6.43
CA LEU A 275 -8.49 6.49 -5.05
C LEU A 275 -9.88 7.09 -4.85
N ASP A 276 -10.27 7.99 -5.74
CA ASP A 276 -11.62 8.53 -5.79
C ASP A 276 -12.63 7.40 -6.00
N VAL A 277 -12.24 6.40 -6.76
CA VAL A 277 -13.12 5.27 -7.01
C VAL A 277 -13.03 4.26 -5.85
N VAL A 278 -11.82 3.87 -5.44
CA VAL A 278 -11.70 2.76 -4.48
C VAL A 278 -11.70 3.20 -3.02
N GLY A 279 -11.49 4.48 -2.76
CA GLY A 279 -11.48 5.00 -1.41
C GLY A 279 -10.15 5.68 -1.08
N TYR A 280 -10.25 6.84 -0.45
CA TYR A 280 -9.07 7.52 0.10
C TYR A 280 -8.60 6.79 1.36
N PRO A 281 -7.28 6.78 1.60
CA PRO A 281 -6.71 6.16 2.77
C PRO A 281 -7.37 6.62 4.06
N PHE A 282 -7.54 5.68 4.98
CA PHE A 282 -8.07 6.01 6.31
C PHE A 282 -7.03 6.83 7.06
N MET A 283 -7.47 7.64 8.03
CA MET A 283 -6.55 8.44 8.83
C MET A 283 -6.17 7.61 10.04
N PRO A 284 -4.88 7.29 10.18
CA PRO A 284 -4.46 6.52 11.34
C PRO A 284 -4.49 7.37 12.61
N PRO A 285 -4.53 6.71 13.79
CA PRO A 285 -4.25 7.48 15.00
C PRO A 285 -2.79 7.90 15.01
N TYR A 286 -2.50 9.03 15.65
CA TYR A 286 -1.12 9.55 15.69
C TYR A 286 -0.15 8.53 16.28
N TRP A 287 -0.57 7.83 17.34
CA TRP A 287 0.29 6.84 17.98
C TRP A 287 0.70 5.69 17.06
N GLY A 288 -0.15 5.41 16.06
CA GLY A 288 0.15 4.41 15.04
C GLY A 288 1.38 4.71 14.19
N LEU A 289 1.81 5.98 14.17
CA LEU A 289 3.00 6.42 13.45
C LEU A 289 4.28 6.30 14.28
N GLY A 290 4.15 5.97 15.56
CA GLY A 290 5.30 5.71 16.40
C GLY A 290 5.92 4.36 16.10
N PHE A 291 6.95 4.00 16.87
CA PHE A 291 7.63 2.72 16.67
C PHE A 291 6.84 1.58 17.31
N HIS A 292 6.75 0.49 16.56
CA HIS A 292 6.11 -0.74 16.98
C HIS A 292 7.16 -1.83 17.10
N LEU A 293 7.05 -2.63 18.16
CA LEU A 293 8.01 -3.72 18.37
C LEU A 293 7.28 -5.01 18.73
N CYS A 294 7.69 -6.07 18.04
CA CYS A 294 7.05 -7.38 18.11
C CYS A 294 8.05 -8.50 17.86
N ARG A 295 7.76 -9.69 18.37
CA ARG A 295 8.32 -10.90 17.81
C ARG A 295 7.41 -12.09 18.09
N TRP A 296 7.60 -13.12 17.30
CA TRP A 296 7.08 -14.44 17.63
C TRP A 296 8.06 -14.99 18.67
N GLY A 297 7.58 -15.25 19.88
CA GLY A 297 8.43 -15.79 20.93
C GLY A 297 8.52 -15.01 22.24
N TYR A 298 7.89 -13.84 22.33
CA TYR A 298 7.71 -13.23 23.66
C TYR A 298 6.66 -14.08 24.39
N SER A 299 7.15 -15.06 25.14
CA SER A 299 6.31 -16.15 25.63
C SER A 299 5.67 -15.94 27.02
N SER A 300 5.79 -14.74 27.57
CA SER A 300 5.11 -14.42 28.82
C SER A 300 4.92 -12.92 28.93
N THR A 301 4.04 -12.49 29.84
CA THR A 301 3.91 -11.08 30.15
C THR A 301 5.20 -10.51 30.75
N ALA A 302 5.91 -11.32 31.54
CA ALA A 302 7.17 -10.88 32.16
C ALA A 302 8.19 -10.54 31.09
N ILE A 303 8.39 -11.46 30.15
CA ILE A 303 9.31 -11.21 29.04
C ILE A 303 8.86 -9.98 28.24
N THR A 304 7.56 -9.87 28.00
CA THR A 304 7.03 -8.78 27.17
C THR A 304 7.23 -7.44 27.87
N ARG A 305 6.98 -7.39 29.18
CA ARG A 305 7.27 -6.20 29.98
C ARG A 305 8.76 -5.84 29.93
N GLN A 306 9.64 -6.85 29.94
CA GLN A 306 11.09 -6.60 29.86
C GLN A 306 11.51 -5.92 28.56
N VAL A 307 10.79 -6.20 27.48
CA VAL A 307 11.05 -5.53 26.20
C VAL A 307 10.88 -4.04 26.38
N VAL A 308 9.74 -3.65 26.95
CA VAL A 308 9.45 -2.23 27.20
C VAL A 308 10.48 -1.61 28.16
N GLU A 309 10.81 -2.35 29.22
CA GLU A 309 11.82 -1.91 30.19
C GLU A 309 13.18 -1.70 29.51
N ASN A 310 13.58 -2.66 28.69
CA ASN A 310 14.87 -2.61 28.03
C ASN A 310 14.96 -1.51 26.98
N MET A 311 13.87 -1.26 26.26
CA MET A 311 13.81 -0.13 25.31
C MET A 311 13.94 1.21 26.05
N THR A 312 13.15 1.37 27.10
CA THR A 312 13.10 2.57 27.91
C THR A 312 14.48 2.86 28.54
N ARG A 313 15.04 1.87 29.24
CA ARG A 313 16.38 1.98 29.85
C ARG A 313 17.44 2.52 28.89
N ALA A 314 17.38 2.08 27.63
CA ALA A 314 18.36 2.50 26.62
C ALA A 314 17.86 3.67 25.76
N HIS A 315 16.81 4.37 26.23
CA HIS A 315 16.31 5.58 25.57
C HIS A 315 15.83 5.36 24.12
N PHE A 316 15.16 4.25 23.85
CA PHE A 316 14.59 4.03 22.53
C PHE A 316 13.11 4.31 22.60
N PRO A 317 12.61 5.17 21.73
CA PRO A 317 11.16 5.36 21.68
C PRO A 317 10.42 4.07 21.31
N LEU A 318 9.25 3.88 21.91
CA LEU A 318 8.40 2.72 21.64
C LEU A 318 6.96 3.14 22.00
N ASP A 319 6.12 3.26 20.99
CA ASP A 319 4.73 3.61 21.21
C ASP A 319 3.86 2.39 21.43
N VAL A 320 4.15 1.28 20.76
CA VAL A 320 3.23 0.14 20.76
C VAL A 320 3.98 -1.18 20.95
N GLN A 321 3.61 -1.93 21.98
CA GLN A 321 4.16 -3.24 22.21
C GLN A 321 3.18 -4.25 21.61
N TRP A 322 3.71 -5.24 20.91
CA TRP A 322 2.89 -6.27 20.28
C TRP A 322 3.19 -7.65 20.88
N ASN A 323 2.23 -8.55 20.73
CA ASN A 323 2.49 -9.99 20.84
C ASN A 323 1.94 -10.74 19.62
N ASP A 324 2.66 -11.81 19.26
CA ASP A 324 2.25 -12.79 18.28
C ASP A 324 1.41 -13.88 18.97
N LEU A 325 1.40 -15.09 18.42
CA LEU A 325 0.58 -16.21 18.88
C LEU A 325 0.81 -16.55 20.36
N ASP A 326 1.97 -16.18 20.87
CA ASP A 326 2.35 -16.44 22.26
C ASP A 326 1.27 -16.22 23.31
N TYR A 327 0.45 -15.18 23.15
CA TYR A 327 -0.51 -14.84 24.21
C TYR A 327 -1.68 -15.82 24.32
N MET A 328 -2.00 -16.50 23.22
CA MET A 328 -3.22 -17.28 23.12
C MET A 328 -3.23 -18.52 23.98
N ASP A 329 -4.42 -19.04 24.24
CA ASP A 329 -4.58 -20.34 24.84
C ASP A 329 -4.66 -21.39 23.75
N SER A 330 -3.65 -22.24 23.65
CA SER A 330 -3.57 -23.26 22.59
C SER A 330 -3.79 -22.66 21.19
N ARG A 331 -3.18 -21.50 20.95
CA ARG A 331 -3.17 -20.86 19.64
C ARG A 331 -4.58 -20.50 19.12
N ARG A 332 -5.50 -20.19 20.05
CA ARG A 332 -6.87 -19.83 19.68
C ARG A 332 -7.19 -18.34 19.88
N ASP A 333 -7.81 -17.74 18.85
CA ASP A 333 -8.29 -16.36 18.93
C ASP A 333 -9.14 -16.14 20.18
N PHE A 334 -9.08 -14.94 20.74
CA PHE A 334 -9.99 -14.49 21.78
C PHE A 334 -9.83 -15.29 23.07
N THR A 335 -8.59 -15.73 23.32
CA THR A 335 -8.22 -16.39 24.56
C THR A 335 -6.84 -15.87 24.96
N PHE A 336 -6.47 -16.09 26.22
CA PHE A 336 -5.09 -15.96 26.63
C PHE A 336 -4.76 -17.07 27.63
N ASN A 337 -3.56 -17.62 27.54
CA ASN A 337 -3.18 -18.76 28.37
C ASN A 337 -2.95 -18.29 29.80
N LYS A 338 -3.17 -19.19 30.75
CA LYS A 338 -3.09 -18.85 32.16
C LYS A 338 -1.74 -19.23 32.79
N ASP A 339 -0.75 -19.53 31.96
CA ASP A 339 0.61 -19.71 32.45
C ASP A 339 1.34 -18.39 32.27
N GLY A 340 2.11 -18.28 31.19
CA GLY A 340 2.84 -17.06 30.87
C GLY A 340 1.99 -15.81 30.75
N PHE A 341 0.73 -15.94 30.36
CA PHE A 341 -0.11 -14.75 30.14
C PHE A 341 -1.27 -14.62 31.11
N ARG A 342 -1.15 -15.25 32.27
CA ARG A 342 -2.15 -15.17 33.36
C ARG A 342 -2.61 -13.76 33.66
N ASP A 343 -1.66 -12.82 33.71
CA ASP A 343 -1.96 -11.42 34.03
C ASP A 343 -1.90 -10.53 32.78
N PHE A 344 -2.34 -11.09 31.65
CA PHE A 344 -2.44 -10.33 30.39
C PHE A 344 -3.21 -9.01 30.55
N PRO A 345 -4.40 -9.05 31.20
CA PRO A 345 -5.15 -7.80 31.36
C PRO A 345 -4.36 -6.70 32.05
N ALA A 346 -3.68 -7.05 33.15
CA ALA A 346 -2.87 -6.10 33.90
C ALA A 346 -1.68 -5.58 33.10
N MET A 347 -1.03 -6.43 32.31
CA MET A 347 0.07 -5.99 31.48
C MET A 347 -0.38 -4.88 30.53
N VAL A 348 -1.51 -5.07 29.87
CA VAL A 348 -2.01 -4.09 28.91
C VAL A 348 -2.47 -2.79 29.57
N GLN A 349 -3.14 -2.90 30.72
CA GLN A 349 -3.51 -1.72 31.50
C GLN A 349 -2.28 -0.92 31.90
N GLU A 350 -1.23 -1.62 32.33
CA GLU A 350 0.04 -0.98 32.67
C GLU A 350 0.67 -0.28 31.49
N LEU A 351 0.59 -0.88 30.31
CA LEU A 351 1.16 -0.24 29.12
C LEU A 351 0.47 1.09 28.91
N HIS A 352 -0.84 1.10 29.06
CA HIS A 352 -1.62 2.33 28.89
C HIS A 352 -1.26 3.38 29.92
N GLN A 353 -1.05 2.98 31.16
CA GLN A 353 -0.65 3.90 32.24
C GLN A 353 0.68 4.60 31.93
N GLY A 354 1.58 3.88 31.27
CA GLY A 354 2.84 4.46 30.81
C GLY A 354 2.77 5.27 29.52
N GLY A 355 1.58 5.36 28.92
CA GLY A 355 1.38 6.16 27.72
C GLY A 355 1.62 5.43 26.40
N ARG A 356 1.61 4.10 26.44
CA ARG A 356 1.80 3.27 25.23
C ARG A 356 0.53 2.52 24.88
N ARG A 357 0.52 1.93 23.69
CA ARG A 357 -0.60 1.15 23.21
C ARG A 357 -0.15 -0.29 23.02
N TYR A 358 -1.13 -1.15 22.72
CA TYR A 358 -0.90 -2.57 22.64
C TYR A 358 -1.65 -3.16 21.43
N MET A 359 -0.94 -3.99 20.69
CA MET A 359 -1.44 -4.69 19.50
C MET A 359 -1.17 -6.19 19.64
N MET A 360 -2.06 -7.01 19.11
CA MET A 360 -1.81 -8.46 19.10
C MET A 360 -2.36 -9.12 17.86
N ILE A 361 -1.84 -10.30 17.56
CA ILE A 361 -2.22 -11.00 16.36
C ILE A 361 -3.61 -11.61 16.53
N VAL A 362 -4.35 -11.63 15.43
CA VAL A 362 -5.63 -12.33 15.33
C VAL A 362 -5.61 -13.07 14.00
N ASP A 363 -5.98 -14.34 14.02
CA ASP A 363 -6.06 -15.16 12.80
C ASP A 363 -7.52 -15.27 12.38
N PRO A 364 -7.79 -15.55 11.09
CA PRO A 364 -9.21 -15.65 10.74
C PRO A 364 -9.82 -16.97 11.17
N ALA A 365 -9.01 -18.01 11.20
CA ALA A 365 -9.49 -19.36 11.39
C ALA A 365 -9.83 -19.65 12.84
N ILE A 366 -10.91 -20.37 13.05
CA ILE A 366 -11.49 -20.57 14.37
C ILE A 366 -11.51 -22.06 14.71
N SER A 367 -10.92 -22.39 15.85
CA SER A 367 -10.77 -23.77 16.28
C SER A 367 -12.13 -24.44 16.36
N SER A 368 -12.25 -25.57 15.67
CA SER A 368 -13.50 -26.27 15.53
C SER A 368 -13.52 -27.61 16.29
N SER A 369 -12.45 -27.95 17.01
CA SER A 369 -12.31 -29.30 17.55
C SER A 369 -12.57 -29.39 19.04
N GLY A 370 -12.77 -28.25 19.69
CA GLY A 370 -12.89 -28.23 21.15
C GLY A 370 -14.22 -28.83 21.52
N PRO A 371 -14.38 -29.26 22.78
CA PRO A 371 -15.68 -29.80 23.21
C PRO A 371 -16.78 -28.77 23.05
N ALA A 372 -17.95 -29.21 22.61
CA ALA A 372 -19.06 -28.30 22.37
C ALA A 372 -19.35 -27.53 23.64
N GLY A 373 -19.55 -26.23 23.51
CA GLY A 373 -19.83 -25.39 24.65
C GLY A 373 -18.61 -24.82 25.35
N SER A 374 -17.42 -25.30 25.00
CA SER A 374 -16.18 -24.87 25.65
C SER A 374 -15.43 -23.71 24.97
N TYR A 375 -15.80 -23.32 23.75
CA TYR A 375 -15.06 -22.28 23.04
C TYR A 375 -16.04 -21.40 22.26
N ARG A 376 -16.42 -20.29 22.87
CA ARG A 376 -17.51 -19.44 22.40
C ARG A 376 -17.39 -18.96 20.95
N PRO A 377 -16.19 -18.51 20.52
CA PRO A 377 -16.09 -18.07 19.13
C PRO A 377 -16.57 -19.13 18.15
N TYR A 378 -16.21 -20.39 18.40
CA TYR A 378 -16.70 -21.46 17.53
C TYR A 378 -18.18 -21.78 17.79
N ASP A 379 -18.54 -21.96 19.07
CA ASP A 379 -19.93 -22.33 19.43
C ASP A 379 -20.95 -21.30 18.92
N GLU A 380 -20.65 -20.03 19.16
CA GLU A 380 -21.51 -18.94 18.71
C GLU A 380 -21.47 -18.79 17.17
N GLY A 381 -20.30 -18.96 16.58
CA GLY A 381 -20.16 -18.94 15.12
C GLY A 381 -21.04 -19.97 14.45
N LEU A 382 -21.08 -21.15 15.05
CA LEU A 382 -21.87 -22.26 14.57
C LEU A 382 -23.36 -21.90 14.65
N ARG A 383 -23.78 -21.40 15.81
CA ARG A 383 -25.18 -21.03 16.04
C ARG A 383 -25.66 -20.02 15.01
N ARG A 384 -24.80 -19.07 14.69
CA ARG A 384 -25.21 -17.97 13.84
C ARG A 384 -24.87 -18.21 12.37
N GLY A 385 -24.24 -19.34 12.04
CA GLY A 385 -23.94 -19.69 10.64
C GLY A 385 -22.93 -18.74 9.99
N VAL A 386 -21.87 -18.40 10.71
CA VAL A 386 -20.91 -17.41 10.22
C VAL A 386 -19.82 -17.97 9.32
N PHE A 387 -19.69 -19.30 9.21
CA PHE A 387 -18.54 -19.91 8.54
C PHE A 387 -18.77 -20.20 7.08
N ILE A 388 -17.70 -20.20 6.30
CA ILE A 388 -17.73 -20.69 4.95
C ILE A 388 -18.12 -22.17 4.99
N THR A 389 -19.02 -22.56 4.11
CA THR A 389 -19.53 -23.93 4.12
C THR A 389 -19.18 -24.65 2.85
N ASN A 390 -19.30 -25.98 2.89
CA ASN A 390 -18.98 -26.82 1.76
C ASN A 390 -20.24 -27.35 1.09
N GLU A 391 -20.04 -28.33 0.21
CA GLU A 391 -21.10 -28.87 -0.66
C GLU A 391 -22.34 -29.34 0.10
N THR A 392 -22.14 -29.97 1.25
CA THR A 392 -23.21 -30.51 2.06
C THR A 392 -23.76 -29.48 3.07
N GLY A 393 -23.21 -28.28 3.04
CA GLY A 393 -23.69 -27.20 3.88
C GLY A 393 -23.09 -27.15 5.28
N GLN A 394 -22.09 -27.97 5.56
CA GLN A 394 -21.38 -27.86 6.83
C GLN A 394 -20.18 -26.92 6.70
N PRO A 395 -19.63 -26.48 7.84
CA PRO A 395 -18.41 -25.67 7.82
C PRO A 395 -17.26 -26.40 7.15
N LEU A 396 -16.58 -25.71 6.23
CA LEU A 396 -15.37 -26.23 5.64
C LEU A 396 -14.31 -26.24 6.71
N ILE A 397 -13.68 -27.38 6.95
CA ILE A 397 -12.68 -27.51 8.01
C ILE A 397 -11.30 -27.62 7.40
N GLY A 398 -10.41 -26.72 7.79
CA GLY A 398 -9.02 -26.80 7.38
C GLY A 398 -8.14 -27.09 8.58
N LYS A 399 -6.84 -26.88 8.39
CA LYS A 399 -5.87 -27.01 9.47
C LYS A 399 -5.01 -25.75 9.51
N VAL A 400 -4.99 -25.11 10.68
CA VAL A 400 -4.07 -24.00 10.91
C VAL A 400 -3.51 -24.12 12.34
N TRP A 401 -3.16 -23.01 12.98
CA TRP A 401 -2.39 -23.06 14.24
C TRP A 401 -3.05 -23.84 15.37
N PRO A 402 -4.38 -23.68 15.58
CA PRO A 402 -4.96 -24.45 16.71
C PRO A 402 -5.25 -25.90 16.39
N GLY A 403 -5.04 -26.32 15.15
CA GLY A 403 -5.48 -27.62 14.67
C GLY A 403 -6.60 -27.38 13.64
N SER A 404 -7.65 -28.19 13.74
CA SER A 404 -8.80 -28.08 12.86
C SER A 404 -9.48 -26.74 13.06
N THR A 405 -9.81 -26.06 11.97
CA THR A 405 -10.45 -24.75 12.04
C THR A 405 -11.52 -24.56 10.97
N ALA A 406 -12.54 -23.81 11.32
CA ALA A 406 -13.46 -23.27 10.33
C ALA A 406 -13.04 -21.85 9.96
N PHE A 407 -13.60 -21.36 8.86
CA PHE A 407 -13.21 -20.08 8.31
C PHE A 407 -14.42 -19.14 8.24
N PRO A 408 -14.35 -18.01 8.97
CA PRO A 408 -15.42 -17.04 8.94
C PRO A 408 -15.62 -16.47 7.55
N ASP A 409 -16.88 -16.23 7.22
CA ASP A 409 -17.30 -15.67 5.95
C ASP A 409 -17.62 -14.21 6.17
N PHE A 410 -16.65 -13.35 5.90
CA PHE A 410 -16.81 -11.93 6.16
C PHE A 410 -17.64 -11.17 5.08
N THR A 411 -18.28 -11.92 4.17
CA THR A 411 -19.33 -11.31 3.32
C THR A 411 -20.73 -11.49 3.92
N ASN A 412 -20.83 -12.29 4.98
CA ASN A 412 -22.09 -12.56 5.66
C ASN A 412 -22.35 -11.50 6.74
N PRO A 413 -23.44 -10.72 6.61
CA PRO A 413 -23.70 -9.68 7.63
C PRO A 413 -23.77 -10.23 9.05
N THR A 414 -24.24 -11.47 9.22
CA THR A 414 -24.28 -12.09 10.54
C THR A 414 -22.89 -12.42 11.09
N ALA A 415 -21.96 -12.83 10.22
CA ALA A 415 -20.57 -12.99 10.62
C ALA A 415 -19.92 -11.66 11.04
N LEU A 416 -20.30 -10.56 10.41
CA LEU A 416 -19.80 -9.26 10.84
C LEU A 416 -20.24 -8.95 12.27
N ALA A 417 -21.51 -9.23 12.54
CA ALA A 417 -22.08 -8.98 13.87
C ALA A 417 -21.37 -9.86 14.91
N TRP A 418 -21.17 -11.13 14.56
CA TRP A 418 -20.44 -12.08 15.42
C TRP A 418 -18.99 -11.62 15.69
N TRP A 419 -18.29 -11.16 14.65
CA TRP A 419 -16.89 -10.71 14.78
C TRP A 419 -16.87 -9.51 15.71
N GLU A 420 -17.81 -8.58 15.50
CA GLU A 420 -17.95 -7.42 16.39
C GLU A 420 -18.10 -7.84 17.85
N ASP A 421 -18.96 -8.83 18.10
CA ASP A 421 -19.17 -9.32 19.47
C ASP A 421 -17.92 -9.97 20.03
N MET A 422 -17.23 -10.80 19.24
CA MET A 422 -16.03 -11.49 19.73
C MET A 422 -14.94 -10.49 20.10
N VAL A 423 -14.74 -9.51 19.23
CA VAL A 423 -13.77 -8.45 19.46
C VAL A 423 -14.15 -7.60 20.70
N ALA A 424 -15.40 -7.18 20.82
CA ALA A 424 -15.81 -6.36 21.97
C ALA A 424 -15.71 -7.15 23.27
N GLU A 425 -16.12 -8.42 23.24
CA GLU A 425 -16.04 -9.25 24.44
C GLU A 425 -14.60 -9.46 24.87
N PHE A 426 -13.72 -9.74 23.91
CA PHE A 426 -12.32 -9.93 24.23
C PHE A 426 -11.72 -8.61 24.72
N HIS A 427 -12.13 -7.49 24.11
CA HIS A 427 -11.64 -6.18 24.53
C HIS A 427 -12.02 -5.84 25.98
N ASP A 428 -13.17 -6.32 26.42
CA ASP A 428 -13.61 -6.18 27.83
C ASP A 428 -12.69 -6.93 28.80
N GLN A 429 -12.03 -7.97 28.34
CA GLN A 429 -11.05 -8.66 29.17
C GLN A 429 -9.68 -8.00 29.10
N VAL A 430 -9.26 -7.64 27.88
CA VAL A 430 -7.91 -7.14 27.61
C VAL A 430 -8.07 -5.96 26.65
N PRO A 431 -7.75 -4.73 27.08
CA PRO A 431 -8.09 -3.57 26.27
C PRO A 431 -7.03 -3.22 25.22
N PHE A 432 -6.86 -4.14 24.27
CA PHE A 432 -5.96 -3.96 23.13
C PHE A 432 -6.43 -2.77 22.29
N ASP A 433 -5.51 -2.19 21.52
CA ASP A 433 -5.74 -0.91 20.86
C ASP A 433 -5.88 -1.01 19.35
N GLY A 434 -5.74 -2.22 18.81
CA GLY A 434 -5.98 -2.48 17.40
C GLY A 434 -5.84 -3.97 17.13
N MET A 435 -5.83 -4.35 15.86
CA MET A 435 -5.75 -5.76 15.48
C MET A 435 -4.75 -5.97 14.35
N TRP A 436 -3.85 -6.92 14.57
CA TRP A 436 -2.91 -7.37 13.54
C TRP A 436 -3.55 -8.64 12.93
N ILE A 437 -4.11 -8.50 11.73
CA ILE A 437 -4.85 -9.59 11.11
C ILE A 437 -3.96 -10.31 10.09
N ASP A 438 -3.56 -11.52 10.45
CA ASP A 438 -2.60 -12.34 9.72
C ASP A 438 -3.33 -13.49 9.01
N MET A 439 -2.62 -14.19 8.11
CA MET A 439 -3.07 -15.44 7.52
C MET A 439 -4.43 -15.34 6.84
N ASN A 440 -4.71 -14.18 6.26
CA ASN A 440 -6.05 -13.90 5.78
C ASN A 440 -6.18 -13.90 4.26
N GLU A 441 -5.40 -14.78 3.64
CA GLU A 441 -5.48 -14.99 2.22
C GLU A 441 -6.77 -15.72 1.73
N PRO A 442 -7.35 -16.66 2.50
CA PRO A 442 -7.01 -17.24 3.81
C PRO A 442 -6.02 -18.39 3.68
N SER A 443 -5.03 -18.41 4.56
CA SER A 443 -4.01 -19.43 4.56
C SER A 443 -4.51 -20.73 5.22
N ASN A 444 -4.16 -21.84 4.59
CA ASN A 444 -4.53 -23.16 5.04
C ASN A 444 -3.27 -24.04 4.99
N PHE A 445 -2.97 -24.74 6.10
CA PHE A 445 -1.80 -25.62 6.13
C PHE A 445 -1.98 -26.86 5.27
N ILE A 446 -3.21 -27.17 4.90
CA ILE A 446 -3.46 -28.30 4.03
C ILE A 446 -4.18 -27.79 2.78
N ARG A 447 -4.33 -28.65 1.78
CA ARG A 447 -4.94 -28.26 0.52
C ARG A 447 -6.47 -28.37 0.54
N GLY A 448 -7.13 -27.21 0.49
CA GLY A 448 -8.60 -27.15 0.35
C GLY A 448 -9.33 -27.33 1.68
N SER A 449 -9.39 -28.56 2.14
CA SER A 449 -9.97 -28.89 3.44
C SER A 449 -9.51 -30.26 3.89
N GLU A 450 -9.78 -30.57 5.15
CA GLU A 450 -9.54 -31.91 5.71
C GLU A 450 -10.16 -33.01 4.86
N ASP A 451 -11.26 -32.69 4.20
CA ASP A 451 -12.03 -33.67 3.41
C ASP A 451 -11.83 -33.46 1.92
N GLY A 452 -10.75 -32.80 1.54
CA GLY A 452 -10.49 -32.52 0.13
C GLY A 452 -11.52 -31.57 -0.43
N CYS A 453 -11.58 -31.50 -1.76
CA CYS A 453 -12.53 -30.63 -2.46
C CYS A 453 -13.22 -31.47 -3.52
N PRO A 454 -14.44 -31.11 -3.88
CA PRO A 454 -15.07 -31.91 -4.94
C PRO A 454 -14.39 -31.71 -6.31
N ASN A 455 -14.79 -32.52 -7.27
CA ASN A 455 -14.29 -32.35 -8.61
C ASN A 455 -15.32 -31.58 -9.43
N ASN A 456 -15.10 -30.30 -9.64
CA ASN A 456 -15.97 -29.49 -10.49
C ASN A 456 -15.17 -28.40 -11.18
N GLU A 457 -15.84 -27.61 -12.01
CA GLU A 457 -15.18 -26.62 -12.86
C GLU A 457 -14.57 -25.45 -12.11
N LEU A 458 -15.05 -25.16 -10.91
CA LEU A 458 -14.44 -24.14 -10.06
C LEU A 458 -13.13 -24.62 -9.44
N GLU A 459 -13.09 -25.87 -9.00
CA GLU A 459 -11.86 -26.45 -8.44
C GLU A 459 -10.82 -26.73 -9.56
N ASN A 460 -11.31 -27.15 -10.72
CA ASN A 460 -10.46 -27.49 -11.88
C ASN A 460 -10.92 -26.69 -13.10
N PRO A 461 -10.56 -25.41 -13.16
CA PRO A 461 -11.09 -24.52 -14.21
C PRO A 461 -10.33 -24.68 -15.51
N PRO A 462 -10.94 -24.28 -16.64
CA PRO A 462 -10.26 -24.48 -17.92
C PRO A 462 -8.95 -23.71 -18.08
N TYR A 463 -8.81 -22.57 -17.40
CA TYR A 463 -7.55 -21.83 -17.39
C TYR A 463 -7.15 -21.58 -15.96
N VAL A 464 -5.99 -22.09 -15.56
CA VAL A 464 -5.45 -21.88 -14.21
C VAL A 464 -4.32 -20.88 -14.34
N PRO A 465 -4.46 -19.70 -13.72
CA PRO A 465 -3.38 -18.72 -13.80
C PRO A 465 -2.06 -19.24 -13.22
N GLY A 466 -0.99 -18.47 -13.35
CA GLY A 466 0.34 -18.95 -12.99
C GLY A 466 0.59 -18.95 -11.48
N VAL A 467 -0.32 -19.54 -10.72
CA VAL A 467 -0.23 -19.53 -9.26
C VAL A 467 0.83 -20.51 -8.75
N VAL A 468 1.50 -20.16 -7.65
CA VAL A 468 2.37 -21.13 -6.99
C VAL A 468 1.59 -22.39 -6.65
N GLY A 469 2.14 -23.55 -7.03
CA GLY A 469 1.51 -24.82 -6.75
C GLY A 469 0.57 -25.32 -7.82
N GLY A 470 0.23 -24.46 -8.78
CA GLY A 470 -0.49 -24.91 -9.97
C GLY A 470 -1.96 -25.20 -9.77
N THR A 471 -2.50 -24.77 -8.64
CA THR A 471 -3.92 -24.97 -8.33
C THR A 471 -4.41 -23.82 -7.45
N LEU A 472 -5.65 -23.42 -7.67
CA LEU A 472 -6.32 -22.42 -6.83
C LEU A 472 -6.49 -22.87 -5.37
N GLN A 473 -6.45 -24.18 -5.11
CA GLN A 473 -6.59 -24.71 -3.74
C GLN A 473 -5.30 -24.64 -2.93
N ALA A 474 -4.16 -24.46 -3.59
CA ALA A 474 -2.86 -24.57 -2.90
C ALA A 474 -2.77 -23.53 -1.79
N ALA A 475 -2.44 -24.02 -0.58
CA ALA A 475 -2.29 -23.21 0.62
C ALA A 475 -3.54 -22.43 1.03
N THR A 476 -4.71 -22.86 0.54
CA THR A 476 -5.94 -22.15 0.90
C THR A 476 -7.13 -23.14 0.95
N ILE A 477 -8.34 -22.63 0.86
CA ILE A 477 -9.55 -23.45 0.95
C ILE A 477 -10.15 -23.77 -0.41
N CYS A 478 -11.13 -24.68 -0.45
CA CYS A 478 -11.70 -25.11 -1.71
C CYS A 478 -12.31 -23.94 -2.45
N ALA A 479 -12.08 -23.87 -3.76
CA ALA A 479 -12.63 -22.81 -4.61
C ALA A 479 -14.14 -22.83 -4.70
N SER A 480 -14.76 -24.01 -4.60
CA SER A 480 -16.21 -24.12 -4.74
C SER A 480 -16.95 -23.98 -3.42
N SER A 481 -16.24 -23.66 -2.35
CA SER A 481 -16.88 -23.44 -1.05
C SER A 481 -17.77 -22.21 -1.11
N HIS A 482 -18.74 -22.17 -0.20
CA HIS A 482 -19.84 -21.22 -0.26
C HIS A 482 -19.68 -20.07 0.73
N GLN A 483 -19.85 -18.86 0.21
CA GLN A 483 -19.95 -17.66 1.03
C GLN A 483 -21.30 -16.99 0.75
N PHE A 484 -21.66 -16.04 1.60
CA PHE A 484 -22.97 -15.42 1.53
C PHE A 484 -23.21 -14.76 0.18
N LEU A 485 -22.22 -14.06 -0.34
CA LEU A 485 -22.40 -13.32 -1.59
C LEU A 485 -22.13 -14.14 -2.84
N SER A 486 -21.27 -15.14 -2.74
CA SER A 486 -20.90 -15.94 -3.90
C SER A 486 -20.00 -17.13 -3.47
N THR A 487 -19.43 -17.83 -4.44
CA THR A 487 -18.44 -18.86 -4.16
C THR A 487 -17.09 -18.22 -3.82
N HIS A 488 -16.24 -18.99 -3.16
CA HIS A 488 -14.90 -18.57 -2.83
C HIS A 488 -14.07 -18.31 -4.08
N TYR A 489 -14.34 -19.07 -5.13
CA TYR A 489 -13.72 -18.85 -6.44
C TYR A 489 -13.74 -17.39 -6.83
N ASN A 490 -14.89 -16.75 -6.69
CA ASN A 490 -15.04 -15.33 -7.04
C ASN A 490 -14.54 -14.35 -5.98
N LEU A 491 -14.66 -14.75 -4.71
CA LEU A 491 -14.41 -13.88 -3.56
C LEU A 491 -13.05 -14.03 -2.88
N HIS A 492 -12.29 -15.07 -3.25
CA HIS A 492 -11.02 -15.37 -2.59
C HIS A 492 -10.15 -14.13 -2.43
N ASN A 493 -9.97 -13.37 -3.50
CA ASN A 493 -9.06 -12.22 -3.46
C ASN A 493 -9.57 -11.09 -2.56
N LEU A 494 -10.84 -11.15 -2.15
CA LEU A 494 -11.40 -10.18 -1.23
C LEU A 494 -11.36 -10.63 0.22
N TYR A 495 -10.95 -11.87 0.49
CA TYR A 495 -11.03 -12.38 1.86
C TYR A 495 -10.38 -11.41 2.85
N GLY A 496 -9.11 -11.09 2.63
CA GLY A 496 -8.38 -10.20 3.54
C GLY A 496 -9.06 -8.86 3.70
N LEU A 497 -9.41 -8.24 2.57
CA LEU A 497 -10.15 -6.99 2.56
C LEU A 497 -11.44 -7.06 3.40
N THR A 498 -12.22 -8.12 3.21
CA THR A 498 -13.51 -8.23 3.93
C THR A 498 -13.28 -8.36 5.44
N GLU A 499 -12.26 -9.11 5.86
CA GLU A 499 -11.89 -9.16 7.27
C GLU A 499 -11.41 -7.80 7.79
N ALA A 500 -10.71 -7.05 6.95
CA ALA A 500 -10.18 -5.73 7.32
C ALA A 500 -11.31 -4.75 7.57
N ILE A 501 -12.29 -4.77 6.67
CA ILE A 501 -13.54 -4.03 6.88
C ILE A 501 -14.27 -4.45 8.18
N ALA A 502 -14.42 -5.75 8.39
CA ALA A 502 -15.09 -6.26 9.59
C ALA A 502 -14.38 -5.84 10.87
N SER A 503 -13.06 -5.84 10.83
CA SER A 503 -12.24 -5.51 11.99
C SER A 503 -12.20 -4.02 12.26
N HIS A 504 -12.13 -3.23 11.19
CA HIS A 504 -12.28 -1.79 11.27
C HIS A 504 -13.57 -1.44 12.03
N ARG A 505 -14.70 -1.97 11.58
CA ARG A 505 -16.00 -1.70 12.21
CA ARG A 505 -16.01 -1.70 12.20
C ARG A 505 -16.04 -2.22 13.64
N ALA A 506 -15.53 -3.43 13.84
CA ALA A 506 -15.45 -4.01 15.17
C ALA A 506 -14.71 -3.11 16.16
N LEU A 507 -13.60 -2.53 15.70
CA LEU A 507 -12.77 -1.70 16.57
C LEU A 507 -13.38 -0.35 16.86
N VAL A 508 -14.08 0.21 15.88
CA VAL A 508 -14.84 1.43 16.07
C VAL A 508 -15.90 1.21 17.16
N LYS A 509 -16.67 0.15 17.01
CA LYS A 509 -17.70 -0.16 18.00
C LYS A 509 -17.15 -0.46 19.38
N ALA A 510 -16.06 -1.21 19.45
CA ALA A 510 -15.50 -1.59 20.75
C ALA A 510 -14.79 -0.45 21.49
N ARG A 511 -14.14 0.47 20.76
CA ARG A 511 -13.28 1.50 21.37
C ARG A 511 -13.78 2.94 21.21
N GLY A 512 -14.59 3.21 20.20
CA GLY A 512 -15.13 4.56 19.96
C GLY A 512 -14.14 5.60 19.42
N THR A 513 -12.96 5.15 19.01
CA THR A 513 -11.95 6.02 18.40
C THR A 513 -11.41 5.35 17.12
N ARG A 514 -10.51 6.02 16.42
CA ARG A 514 -9.96 5.49 15.16
C ARG A 514 -9.44 4.07 15.27
N PRO A 515 -9.83 3.20 14.33
CA PRO A 515 -9.27 1.85 14.34
C PRO A 515 -7.83 1.78 13.80
N PHE A 516 -7.07 0.81 14.29
CA PHE A 516 -5.73 0.56 13.75
C PHE A 516 -5.66 -0.93 13.40
N VAL A 517 -5.81 -1.21 12.11
CA VAL A 517 -5.78 -2.57 11.59
C VAL A 517 -4.59 -2.70 10.61
N ILE A 518 -3.75 -3.70 10.86
CA ILE A 518 -2.60 -4.03 10.00
C ILE A 518 -2.83 -5.45 9.46
N SER A 519 -2.91 -5.56 8.14
CA SER A 519 -3.40 -6.78 7.48
C SER A 519 -2.37 -7.33 6.53
N ARG A 520 -2.31 -8.66 6.43
CA ARG A 520 -1.39 -9.28 5.50
C ARG A 520 -1.97 -9.26 4.09
N SER A 521 -3.13 -9.88 3.91
CA SER A 521 -3.76 -9.95 2.60
C SER A 521 -4.58 -8.69 2.36
N THR A 522 -4.57 -8.24 1.12
CA THR A 522 -5.24 -7.01 0.73
C THR A 522 -5.81 -7.14 -0.66
N PHE A 523 -6.71 -6.23 -0.99
CA PHE A 523 -7.21 -6.05 -2.34
C PHE A 523 -7.34 -4.55 -2.56
N ALA A 524 -7.55 -4.16 -3.82
CA ALA A 524 -7.84 -2.78 -4.16
C ALA A 524 -8.88 -2.20 -3.24
N GLY A 525 -8.58 -1.02 -2.69
CA GLY A 525 -9.50 -0.36 -1.79
C GLY A 525 -9.19 -0.62 -0.32
N HIS A 526 -8.21 -1.50 -0.07
CA HIS A 526 -7.83 -1.85 1.29
C HIS A 526 -7.48 -0.67 2.18
N GLY A 527 -6.80 0.31 1.59
CA GLY A 527 -6.28 1.43 2.32
C GLY A 527 -7.33 2.31 2.96
N ARG A 528 -8.58 2.21 2.49
CA ARG A 528 -9.68 2.94 3.09
C ARG A 528 -9.98 2.41 4.51
N TYR A 529 -9.50 1.20 4.84
CA TYR A 529 -9.85 0.58 6.11
C TYR A 529 -8.65 0.26 6.97
N ALA A 530 -7.48 0.10 6.36
CA ALA A 530 -6.39 -0.56 7.06
C ALA A 530 -5.04 -0.36 6.41
N GLY A 531 -4.02 -0.79 7.14
CA GLY A 531 -2.66 -0.82 6.64
C GLY A 531 -2.20 -2.23 6.27
N HIS A 532 -0.91 -2.34 5.94
CA HIS A 532 -0.34 -3.57 5.44
C HIS A 532 1.14 -3.63 5.82
N TRP A 533 1.62 -4.84 6.07
CA TRP A 533 3.05 -5.08 6.12
C TRP A 533 3.39 -6.16 5.08
N THR A 534 4.62 -6.19 4.60
CA THR A 534 4.97 -6.95 3.39
C THR A 534 5.23 -8.43 3.66
N GLY A 535 5.05 -8.86 4.88
CA GLY A 535 5.07 -10.27 5.20
C GLY A 535 6.42 -10.84 5.55
N ASP A 536 6.62 -12.11 5.21
CA ASP A 536 7.74 -12.88 5.72
C ASP A 536 9.00 -12.65 4.92
N VAL A 537 9.52 -11.43 5.00
CA VAL A 537 10.73 -11.06 4.30
C VAL A 537 11.96 -11.62 5.03
N TRP A 538 12.95 -12.10 4.27
CA TRP A 538 14.21 -12.55 4.86
C TRP A 538 15.04 -11.39 5.40
N SER A 539 15.81 -11.66 6.45
CA SER A 539 16.81 -10.72 6.93
C SER A 539 18.02 -10.73 5.99
N SER A 540 17.86 -10.11 4.83
CA SER A 540 18.92 -10.04 3.82
C SER A 540 19.02 -8.65 3.25
N TRP A 541 20.18 -8.33 2.69
CA TRP A 541 20.39 -7.03 2.04
C TRP A 541 19.49 -6.90 0.82
N GLU A 542 19.28 -8.02 0.15
CA GLU A 542 18.36 -8.10 -0.99
C GLU A 542 16.93 -7.68 -0.63
N GLN A 543 16.43 -8.18 0.51
CA GLN A 543 15.06 -7.86 0.92
C GLN A 543 14.97 -6.44 1.50
N LEU A 544 16.00 -5.98 2.20
CA LEU A 544 16.08 -4.57 2.55
C LEU A 544 15.86 -3.70 1.31
N ALA A 545 16.64 -3.97 0.27
CA ALA A 545 16.57 -3.19 -0.96
C ALA A 545 15.19 -3.27 -1.63
N SER A 546 14.67 -4.49 -1.71
CA SER A 546 13.33 -4.74 -2.30
C SER A 546 12.17 -4.09 -1.57
N SER A 547 12.35 -3.79 -0.29
CA SER A 547 11.29 -3.16 0.49
C SER A 547 10.99 -1.75 -0.02
N VAL A 548 11.98 -1.07 -0.61
CA VAL A 548 11.74 0.29 -1.05
C VAL A 548 10.74 0.34 -2.22
N PRO A 549 10.97 -0.43 -3.30
CA PRO A 549 9.93 -0.40 -4.33
C PRO A 549 8.55 -0.86 -3.83
N GLU A 550 8.53 -1.82 -2.91
CA GLU A 550 7.25 -2.38 -2.49
C GLU A 550 6.44 -1.37 -1.66
N ILE A 551 7.11 -0.68 -0.74
CA ILE A 551 6.50 0.39 0.06
C ILE A 551 5.98 1.51 -0.85
N LEU A 552 6.78 1.89 -1.84
CA LEU A 552 6.34 2.87 -2.85
C LEU A 552 5.11 2.40 -3.64
N GLN A 553 5.11 1.12 -4.04
CA GLN A 553 4.01 0.53 -4.80
C GLN A 553 2.69 0.60 -4.05
N PHE A 554 2.71 0.18 -2.78
CA PHE A 554 1.52 0.23 -1.94
C PHE A 554 1.01 1.63 -1.71
N ASN A 555 1.90 2.62 -1.67
CA ASN A 555 1.44 4.02 -1.62
C ASN A 555 0.72 4.44 -2.89
N LEU A 556 1.21 3.99 -4.05
CA LEU A 556 0.52 4.27 -5.32
C LEU A 556 -0.86 3.61 -5.35
N LEU A 557 -1.02 2.53 -4.60
CA LEU A 557 -2.26 1.76 -4.58
C LEU A 557 -3.20 2.17 -3.45
N GLY A 558 -2.86 3.26 -2.76
CA GLY A 558 -3.75 3.83 -1.77
C GLY A 558 -3.65 3.17 -0.41
N VAL A 559 -2.54 2.45 -0.15
CA VAL A 559 -2.31 1.83 1.17
C VAL A 559 -1.03 2.44 1.72
N PRO A 560 -1.07 3.74 2.04
CA PRO A 560 0.15 4.40 2.49
C PRO A 560 0.67 3.89 3.86
N LEU A 561 -0.21 3.36 4.71
CA LEU A 561 0.24 2.81 5.99
C LEU A 561 0.79 1.41 5.72
N VAL A 562 2.05 1.40 5.26
CA VAL A 562 2.73 0.19 4.83
C VAL A 562 4.18 0.23 5.26
N GLY A 563 4.73 -0.96 5.50
CA GLY A 563 6.14 -1.09 5.85
C GLY A 563 6.54 -2.56 5.76
N ALA A 564 7.82 -2.82 5.90
CA ALA A 564 8.32 -4.19 6.05
C ALA A 564 8.82 -4.37 7.47
N ASP A 565 8.94 -5.62 7.90
CA ASP A 565 9.49 -5.94 9.21
C ASP A 565 10.94 -5.45 9.30
N VAL A 566 11.15 -4.46 10.17
CA VAL A 566 12.45 -3.81 10.27
C VAL A 566 13.49 -4.81 10.81
N CYS A 567 14.61 -4.90 10.07
CA CYS A 567 15.69 -5.88 10.26
C CYS A 567 15.38 -7.26 9.69
N GLY A 568 14.18 -7.42 9.12
CA GLY A 568 13.77 -8.66 8.51
C GLY A 568 13.16 -9.63 9.48
N PHE A 569 12.28 -10.47 8.94
CA PHE A 569 11.54 -11.45 9.72
C PHE A 569 12.21 -12.83 9.76
N LEU A 570 12.42 -13.44 8.61
CA LEU A 570 12.99 -14.78 8.55
C LEU A 570 14.50 -14.74 8.73
N GLY A 571 15.05 -15.80 9.34
CA GLY A 571 16.50 -15.93 9.49
C GLY A 571 17.06 -15.02 10.55
N ASN A 572 18.38 -14.81 10.52
CA ASN A 572 19.08 -14.01 11.52
C ASN A 572 19.64 -12.76 10.92
N THR A 573 19.30 -11.60 11.51
CA THR A 573 19.84 -10.36 11.01
C THR A 573 21.30 -10.21 11.46
N SER A 574 22.05 -9.36 10.79
CA SER A 574 23.37 -8.97 11.24
C SER A 574 23.24 -7.59 11.86
N GLU A 575 24.22 -7.18 12.66
CA GLU A 575 24.18 -5.87 13.24
C GLU A 575 24.20 -4.79 12.15
N GLU A 576 25.09 -4.92 11.17
CA GLU A 576 25.17 -3.95 10.10
C GLU A 576 23.85 -3.85 9.34
N LEU A 577 23.26 -5.00 9.00
CA LEU A 577 21.99 -4.99 8.29
C LEU A 577 20.91 -4.30 9.13
N CYS A 578 20.88 -4.59 10.43
CA CYS A 578 19.84 -4.03 11.27
C CYS A 578 20.01 -2.51 11.45
N VAL A 579 21.25 -2.03 11.46
CA VAL A 579 21.48 -0.57 11.45
C VAL A 579 20.92 0.10 10.17
N ARG A 580 21.27 -0.43 9.02
CA ARG A 580 20.82 0.12 7.75
C ARG A 580 19.29 -0.01 7.59
N TRP A 581 18.74 -1.11 8.06
CA TRP A 581 17.31 -1.38 7.93
C TRP A 581 16.51 -0.48 8.89
N THR A 582 17.05 -0.21 10.07
CA THR A 582 16.39 0.72 11.00
C THR A 582 16.44 2.13 10.44
N GLN A 583 17.56 2.49 9.82
CA GLN A 583 17.71 3.79 9.18
C GLN A 583 16.69 3.99 8.07
N LEU A 584 16.56 3.01 7.18
CA LEU A 584 15.62 3.12 6.09
C LEU A 584 14.20 2.96 6.63
N GLY A 585 14.01 1.98 7.50
CA GLY A 585 12.71 1.63 8.05
C GLY A 585 12.07 2.76 8.83
N ALA A 586 12.89 3.65 9.36
CA ALA A 586 12.41 4.84 10.04
C ALA A 586 11.68 5.76 9.06
N PHE A 587 11.79 5.49 7.76
CA PHE A 587 11.02 6.21 6.75
C PHE A 587 9.93 5.36 6.07
N TYR A 588 9.68 4.17 6.60
CA TYR A 588 8.45 3.43 6.24
C TYR A 588 7.34 4.20 6.92
N PRO A 589 6.23 4.43 6.23
CA PRO A 589 5.15 5.12 6.96
C PRO A 589 4.60 4.30 8.15
N PHE A 590 4.63 2.98 8.02
CA PHE A 590 4.36 2.06 9.16
C PHE A 590 5.66 1.40 9.54
N MET A 591 6.14 1.71 10.75
CA MET A 591 7.43 1.22 11.22
C MET A 591 7.34 0.24 12.40
N ARG A 592 7.60 -1.03 12.09
CA ARG A 592 7.57 -2.09 13.09
C ARG A 592 8.75 -3.02 12.86
N ASN A 593 9.46 -3.33 13.95
CA ASN A 593 10.47 -4.38 13.97
C ASN A 593 9.78 -5.63 14.48
N HIS A 594 9.79 -6.66 13.65
CA HIS A 594 9.15 -7.94 13.96
C HIS A 594 10.10 -9.05 13.51
N ASN A 595 9.98 -10.21 14.13
CA ASN A 595 11.04 -11.21 14.13
C ASN A 595 10.45 -12.60 14.31
N SER A 596 11.06 -13.58 13.67
CA SER A 596 10.56 -14.93 13.68
C SER A 596 10.93 -15.69 14.96
N LEU A 597 10.29 -16.83 15.12
CA LEU A 597 10.34 -17.60 16.34
C LEU A 597 11.74 -18.12 16.63
N LEU A 598 12.43 -18.63 15.62
CA LEU A 598 13.73 -19.27 15.84
C LEU A 598 14.90 -18.33 15.63
N SER A 599 14.60 -17.06 15.35
CA SER A 599 15.65 -16.07 15.05
C SER A 599 16.34 -15.54 16.30
N LEU A 600 17.57 -15.06 16.11
CA LEU A 600 18.29 -14.35 17.15
C LEU A 600 17.59 -13.01 17.39
N PRO A 601 17.70 -12.46 18.63
CA PRO A 601 16.97 -11.23 18.89
C PRO A 601 17.46 -10.09 18.05
N GLN A 602 16.59 -9.13 17.79
CA GLN A 602 16.95 -7.97 17.00
C GLN A 602 16.29 -6.67 17.50
N GLU A 603 15.93 -6.60 18.79
CA GLU A 603 15.45 -5.36 19.36
C GLU A 603 16.64 -4.41 19.38
N PRO A 604 16.38 -3.09 19.23
CA PRO A 604 17.45 -2.07 19.21
C PRO A 604 18.47 -2.21 20.35
N TYR A 605 17.98 -2.50 21.54
CA TYR A 605 18.85 -2.62 22.72
C TYR A 605 19.70 -3.88 22.76
N SER A 606 19.44 -4.83 21.85
CA SER A 606 20.21 -6.06 21.81
C SER A 606 21.53 -5.93 21.06
N PHE A 607 21.86 -4.74 20.55
CA PHE A 607 23.06 -4.56 19.73
C PHE A 607 24.18 -3.82 20.47
N SER A 608 25.33 -3.72 19.83
CA SER A 608 26.47 -3.00 20.41
C SER A 608 26.13 -1.54 20.57
N GLU A 609 26.90 -0.86 21.40
CA GLU A 609 26.61 0.52 21.74
C GLU A 609 26.57 1.43 20.50
N PRO A 610 27.55 1.30 19.60
CA PRO A 610 27.53 2.17 18.42
C PRO A 610 26.33 1.90 17.51
N ALA A 611 25.96 0.63 17.37
CA ALA A 611 24.77 0.28 16.62
C ALA A 611 23.53 0.86 17.28
N GLN A 612 23.45 0.74 18.61
CA GLN A 612 22.36 1.35 19.37
C GLN A 612 22.27 2.85 19.11
N GLN A 613 23.40 3.53 19.16
CA GLN A 613 23.41 4.96 18.90
C GLN A 613 22.81 5.30 17.55
N ALA A 614 23.20 4.56 16.51
CA ALA A 614 22.68 4.78 15.16
C ALA A 614 21.18 4.47 15.10
N MET A 615 20.75 3.39 15.73
CA MET A 615 19.31 3.08 15.76
C MET A 615 18.51 4.14 16.54
N ARG A 616 19.11 4.66 17.62
CA ARG A 616 18.47 5.71 18.41
C ARG A 616 18.32 7.01 17.60
N LYS A 617 19.35 7.36 16.85
CA LYS A 617 19.29 8.56 16.01
C LYS A 617 18.16 8.46 14.98
N ALA A 618 18.05 7.31 14.31
CA ALA A 618 16.98 7.08 13.34
C ALA A 618 15.59 7.25 13.96
N LEU A 619 15.40 6.68 15.14
CA LEU A 619 14.10 6.76 15.82
C LEU A 619 13.79 8.18 16.26
N THR A 620 14.81 8.86 16.77
CA THR A 620 14.70 10.26 17.23
C THR A 620 14.29 11.17 16.09
N LEU A 621 14.92 10.98 14.94
CA LEU A 621 14.60 11.75 13.76
C LEU A 621 13.16 11.49 13.33
N ARG A 622 12.77 10.22 13.30
CA ARG A 622 11.38 9.92 12.93
C ARG A 622 10.42 10.60 13.89
N TYR A 623 10.69 10.49 15.20
CA TYR A 623 9.80 11.11 16.18
C TYR A 623 9.75 12.63 15.99
N ALA A 624 10.90 13.26 15.71
CA ALA A 624 10.92 14.71 15.46
C ALA A 624 10.04 15.10 14.26
N LEU A 625 10.03 14.24 13.24
CA LEU A 625 9.25 14.43 12.01
C LEU A 625 7.75 14.08 12.07
N LEU A 626 7.30 13.52 13.21
CA LEU A 626 5.93 13.01 13.28
C LEU A 626 4.80 14.00 12.97
N PRO A 627 4.92 15.28 13.35
CA PRO A 627 3.88 16.23 12.93
C PRO A 627 3.79 16.39 11.41
N HIS A 628 4.94 16.31 10.76
CA HIS A 628 5.00 16.36 9.30
C HIS A 628 4.44 15.07 8.70
N LEU A 629 4.88 13.91 9.18
CA LEU A 629 4.33 12.63 8.69
C LEU A 629 2.81 12.55 8.86
N TYR A 630 2.33 12.99 10.02
CA TYR A 630 0.90 13.04 10.28
C TYR A 630 0.14 13.95 9.31
N THR A 631 0.73 15.10 9.01
CA THR A 631 0.15 16.00 8.03
C THR A 631 0.11 15.35 6.65
N LEU A 632 1.15 14.56 6.32
CA LEU A 632 1.14 13.83 5.05
C LEU A 632 0.01 12.81 5.00
N PHE A 633 -0.26 12.13 6.10
CA PHE A 633 -1.37 11.18 6.16
C PHE A 633 -2.70 11.91 6.03
N HIS A 634 -2.77 13.12 6.57
CA HIS A 634 -3.96 13.93 6.43
C HIS A 634 -4.24 14.20 4.94
N GLN A 635 -3.20 14.58 4.20
CA GLN A 635 -3.33 14.84 2.76
C GLN A 635 -3.74 13.59 1.99
N ALA A 636 -3.22 12.43 2.40
CA ALA A 636 -3.59 11.16 1.81
C ALA A 636 -5.08 10.93 2.06
N HIS A 637 -5.51 11.12 3.29
CA HIS A 637 -6.89 10.88 3.69
C HIS A 637 -7.89 11.86 3.04
N VAL A 638 -7.51 13.11 2.88
CA VAL A 638 -8.44 14.13 2.35
C VAL A 638 -8.32 14.37 0.84
N ALA A 639 -7.17 14.05 0.25
CA ALA A 639 -6.94 14.34 -1.16
C ALA A 639 -6.37 13.17 -1.97
N GLY A 640 -6.26 11.97 -1.40
CA GLY A 640 -5.75 10.82 -2.17
C GLY A 640 -4.28 10.95 -2.55
N GLU A 641 -3.52 11.72 -1.77
CA GLU A 641 -2.10 11.84 -1.96
C GLU A 641 -1.38 10.58 -1.46
N THR A 642 -0.14 10.39 -1.91
CA THR A 642 0.75 9.36 -1.40
C THR A 642 1.54 9.96 -0.22
N VAL A 643 1.99 9.09 0.68
CA VAL A 643 2.79 9.53 1.81
C VAL A 643 4.25 9.31 1.44
N ALA A 644 4.64 8.06 1.26
CA ALA A 644 5.94 7.76 0.66
C ALA A 644 5.76 7.70 -0.84
N ARG A 645 6.59 8.41 -1.60
CA ARG A 645 6.35 8.46 -3.05
C ARG A 645 7.62 8.37 -3.85
N PRO A 646 7.53 7.71 -5.00
CA PRO A 646 8.72 7.63 -5.85
C PRO A 646 9.08 8.98 -6.45
N LEU A 647 10.35 9.14 -6.82
CA LEU A 647 10.79 10.40 -7.39
C LEU A 647 9.98 10.76 -8.63
N PHE A 648 9.58 9.77 -9.43
CA PHE A 648 8.85 10.08 -10.67
C PHE A 648 7.46 10.65 -10.45
N LEU A 649 6.88 10.48 -9.26
CA LEU A 649 5.56 11.07 -8.98
C LEU A 649 5.67 12.56 -8.75
N GLU A 650 6.82 12.97 -8.21
CA GLU A 650 7.06 14.33 -7.91
C GLU A 650 7.72 15.07 -9.07
N PHE A 651 8.56 14.37 -9.85
CA PHE A 651 9.24 14.96 -11.01
C PHE A 651 9.06 14.12 -12.27
N PRO A 652 7.80 13.93 -12.71
CA PRO A 652 7.51 13.04 -13.84
C PRO A 652 8.12 13.48 -15.18
N LYS A 653 8.36 14.79 -15.33
CA LYS A 653 8.94 15.33 -16.56
C LYS A 653 10.45 15.13 -16.65
N ASP A 654 11.07 14.63 -15.58
CA ASP A 654 12.46 14.24 -15.61
C ASP A 654 12.54 12.73 -15.79
N SER A 655 12.77 12.29 -17.03
CA SER A 655 12.75 10.86 -17.33
C SER A 655 13.84 10.05 -16.62
N SER A 656 14.90 10.72 -16.17
CA SER A 656 15.89 10.05 -15.35
C SER A 656 15.31 9.55 -14.02
N THR A 657 14.17 10.07 -13.57
CA THR A 657 13.54 9.57 -12.33
C THR A 657 12.73 8.28 -12.52
N TRP A 658 12.35 7.98 -13.75
CA TRP A 658 11.34 6.95 -14.00
C TRP A 658 11.69 5.57 -13.43
N THR A 659 12.97 5.19 -13.44
CA THR A 659 13.39 3.89 -12.94
C THR A 659 13.97 3.93 -11.53
N VAL A 660 13.98 5.10 -10.90
CA VAL A 660 14.50 5.20 -9.54
C VAL A 660 13.51 4.62 -8.52
N ASP A 661 13.91 3.57 -7.82
CA ASP A 661 13.09 2.97 -6.76
C ASP A 661 13.87 2.53 -5.51
N HIS A 662 15.13 2.96 -5.37
CA HIS A 662 15.90 2.72 -4.15
C HIS A 662 16.13 4.02 -3.36
N GLN A 663 15.46 5.07 -3.81
CA GLN A 663 15.27 6.29 -3.05
C GLN A 663 13.77 6.51 -2.90
N LEU A 664 13.39 7.30 -1.90
CA LEU A 664 11.99 7.64 -1.71
C LEU A 664 11.86 9.06 -1.21
N LEU A 665 10.71 9.65 -1.52
CA LEU A 665 10.33 10.92 -0.91
C LEU A 665 9.28 10.69 0.17
N TRP A 666 9.31 11.52 1.20
CA TRP A 666 8.11 11.71 2.01
C TRP A 666 7.47 12.98 1.46
N GLY A 667 6.26 12.86 0.95
CA GLY A 667 5.58 13.99 0.32
C GLY A 667 6.41 14.61 -0.79
N GLU A 668 6.39 15.93 -0.88
CA GLU A 668 7.04 16.64 -1.96
C GLU A 668 8.49 16.98 -1.67
N ALA A 669 8.87 16.98 -0.39
CA ALA A 669 10.04 17.76 0.03
C ALA A 669 11.19 16.99 0.64
N LEU A 670 10.94 15.79 1.16
CA LEU A 670 11.97 15.07 1.91
C LEU A 670 12.50 13.87 1.14
N LEU A 671 13.76 13.96 0.71
CA LEU A 671 14.37 12.92 -0.11
C LEU A 671 15.28 12.06 0.73
N ILE A 672 15.03 10.75 0.70
CA ILE A 672 15.75 9.80 1.55
C ILE A 672 16.53 8.87 0.63
N THR A 673 17.85 8.82 0.83
CA THR A 673 18.75 8.07 0.00
C THR A 673 19.52 7.06 0.85
N PRO A 674 18.95 5.85 1.06
CA PRO A 674 19.52 4.88 2.00
C PRO A 674 20.67 4.08 1.42
N VAL A 675 21.59 3.65 2.29
CA VAL A 675 22.53 2.57 1.94
C VAL A 675 21.79 1.24 2.05
N LEU A 676 21.85 0.44 0.98
CA LEU A 676 21.10 -0.80 0.91
C LEU A 676 21.99 -2.01 0.65
N GLN A 677 23.29 -1.86 0.90
CA GLN A 677 24.29 -2.90 0.69
C GLN A 677 25.31 -2.97 1.82
N ALA A 678 25.87 -4.14 2.05
CA ALA A 678 26.87 -4.33 3.10
C ALA A 678 28.18 -3.64 2.75
N GLY A 679 28.87 -3.10 3.74
CA GLY A 679 30.24 -2.62 3.55
C GLY A 679 30.37 -1.30 2.82
N LYS A 680 29.26 -0.58 2.63
CA LYS A 680 29.29 0.70 1.94
C LYS A 680 29.39 1.86 2.93
N ALA A 681 30.26 2.82 2.62
CA ALA A 681 30.38 4.06 3.39
C ALA A 681 29.94 5.27 2.56
N GLU A 682 29.30 5.01 1.43
CA GLU A 682 28.78 6.06 0.58
C GLU A 682 27.63 5.49 -0.23
N VAL A 683 26.83 6.36 -0.83
CA VAL A 683 25.71 5.94 -1.66
C VAL A 683 25.53 6.96 -2.77
N THR A 684 25.19 6.50 -3.96
CA THR A 684 24.93 7.39 -5.10
C THR A 684 23.42 7.43 -5.38
N GLY A 685 22.83 8.62 -5.34
CA GLY A 685 21.41 8.76 -5.59
C GLY A 685 21.11 9.89 -6.56
N TYR A 686 19.91 9.85 -7.14
CA TYR A 686 19.49 10.87 -8.08
C TYR A 686 18.92 12.08 -7.37
N PHE A 687 19.39 13.27 -7.76
CA PHE A 687 18.87 14.52 -7.26
C PHE A 687 18.22 15.30 -8.39
N PRO A 688 16.88 15.40 -8.36
CA PRO A 688 16.21 16.23 -9.35
C PRO A 688 16.70 17.68 -9.33
N LEU A 689 16.47 18.38 -10.43
CA LEU A 689 16.83 19.80 -10.54
C LEU A 689 16.29 20.58 -9.33
N GLY A 690 17.17 21.31 -8.68
CA GLY A 690 16.81 22.07 -7.47
C GLY A 690 17.93 22.07 -6.45
N THR A 691 17.69 22.75 -5.34
CA THR A 691 18.61 22.77 -4.24
C THR A 691 18.06 21.86 -3.15
N TRP A 692 18.93 21.01 -2.63
CA TRP A 692 18.56 20.03 -1.63
C TRP A 692 19.45 20.17 -0.42
N TYR A 693 18.88 20.61 0.69
CA TYR A 693 19.63 20.88 1.89
C TYR A 693 19.79 19.61 2.71
N ASP A 694 21.00 19.38 3.20
CA ASP A 694 21.27 18.27 4.10
C ASP A 694 20.56 18.49 5.43
N LEU A 695 19.71 17.54 5.79
CA LEU A 695 18.90 17.68 7.00
C LEU A 695 19.76 17.68 8.26
N GLN A 696 20.97 17.14 8.18
CA GLN A 696 21.90 17.17 9.31
C GLN A 696 22.26 18.58 9.77
N THR A 697 22.03 19.59 8.93
CA THR A 697 22.22 20.99 9.34
C THR A 697 21.06 21.57 10.17
N VAL A 698 19.99 20.81 10.37
CA VAL A 698 18.89 21.24 11.22
C VAL A 698 19.06 20.65 12.61
N PRO A 699 19.22 21.49 13.65
CA PRO A 699 19.38 20.97 15.01
C PRO A 699 18.20 20.14 15.51
N ILE A 700 18.46 18.87 15.82
CA ILE A 700 17.50 17.95 16.40
C ILE A 700 17.94 17.59 17.81
N GLU A 701 16.98 17.51 18.74
CA GLU A 701 17.27 17.17 20.13
C GLU A 701 17.00 15.68 20.37
N ARG A 714 30.83 16.47 3.65
CA ARG A 714 29.35 16.68 3.66
C ARG A 714 28.94 18.13 3.31
N GLU A 715 28.43 18.31 2.10
CA GLU A 715 27.90 19.60 1.67
C GLU A 715 26.60 19.94 2.41
N PRO A 716 26.49 21.17 2.94
CA PRO A 716 25.21 21.60 3.53
C PRO A 716 24.06 21.69 2.52
N ALA A 717 24.37 21.84 1.23
CA ALA A 717 23.35 21.94 0.18
C ALA A 717 23.86 21.36 -1.13
N ILE A 718 23.07 20.48 -1.73
CA ILE A 718 23.37 19.96 -3.05
C ILE A 718 22.62 20.81 -4.07
N HIS A 719 23.36 21.44 -4.98
CA HIS A 719 22.79 22.24 -6.05
C HIS A 719 22.77 21.41 -7.32
N SER A 720 21.64 20.78 -7.59
CA SER A 720 21.56 19.79 -8.65
C SER A 720 20.95 20.37 -9.90
N GLU A 721 21.51 19.97 -11.04
CA GLU A 721 20.93 20.25 -12.34
C GLU A 721 20.03 19.11 -12.81
N GLY A 722 19.83 18.11 -11.95
CA GLY A 722 19.17 16.87 -12.33
C GLY A 722 20.26 15.86 -12.64
N GLN A 723 20.76 15.18 -11.61
CA GLN A 723 21.99 14.42 -11.76
C GLN A 723 22.18 13.45 -10.58
N TRP A 724 23.03 12.45 -10.80
CA TRP A 724 23.39 11.51 -9.77
C TRP A 724 24.51 12.11 -8.95
N VAL A 725 24.45 11.95 -7.62
CA VAL A 725 25.41 12.53 -6.71
C VAL A 725 25.82 11.46 -5.72
N THR A 726 27.13 11.29 -5.54
CA THR A 726 27.65 10.36 -4.54
C THR A 726 27.72 11.07 -3.20
N LEU A 727 27.15 10.45 -2.16
CA LEU A 727 27.06 11.06 -0.85
C LEU A 727 27.85 10.25 0.16
N PRO A 728 28.52 10.91 1.11
CA PRO A 728 29.10 10.14 2.20
C PRO A 728 27.99 9.51 3.01
N ALA A 729 28.18 8.26 3.42
CA ALA A 729 27.18 7.52 4.16
C ALA A 729 27.86 6.50 5.07
N PRO A 730 28.57 6.98 6.09
CA PRO A 730 29.11 6.05 7.07
C PRO A 730 28.00 5.28 7.77
N LEU A 731 28.36 4.24 8.52
CA LEU A 731 27.39 3.35 9.13
C LEU A 731 26.37 4.08 10.00
N ASP A 732 26.78 5.16 10.67
CA ASP A 732 25.87 5.90 11.54
C ASP A 732 24.95 6.89 10.82
N THR A 733 24.99 6.92 9.48
CA THR A 733 24.28 7.94 8.71
C THR A 733 23.30 7.36 7.68
N ILE A 734 22.12 7.98 7.59
CA ILE A 734 21.29 7.84 6.39
C ILE A 734 21.11 9.23 5.82
N ASN A 735 21.26 9.36 4.51
CA ASN A 735 21.11 10.65 3.85
C ASN A 735 19.65 11.04 3.71
N VAL A 736 19.34 12.26 4.15
CA VAL A 736 18.02 12.83 4.09
C VAL A 736 18.20 14.31 3.69
N HIS A 737 17.56 14.71 2.60
CA HIS A 737 17.67 16.07 2.08
C HIS A 737 16.30 16.74 2.00
N LEU A 738 16.27 18.02 2.34
CA LEU A 738 15.05 18.81 2.29
C LEU A 738 15.08 19.76 1.10
N ARG A 739 14.06 19.63 0.26
CA ARG A 739 13.90 20.42 -0.96
C ARG A 739 13.67 21.91 -0.68
N ALA A 740 14.46 22.74 -1.36
CA ALA A 740 14.30 24.19 -1.29
C ALA A 740 12.89 24.58 -1.71
N GLY A 741 12.30 25.52 -0.97
CA GLY A 741 10.92 25.95 -1.20
C GLY A 741 9.91 25.34 -0.26
N TYR A 742 10.37 24.57 0.73
CA TYR A 742 9.48 23.84 1.62
C TYR A 742 9.77 24.09 3.09
N ILE A 743 8.70 24.08 3.90
CA ILE A 743 8.78 24.22 5.34
C ILE A 743 8.18 22.98 6.02
N ILE A 744 8.92 22.44 6.98
CA ILE A 744 8.59 21.20 7.68
C ILE A 744 8.33 21.53 9.13
N PRO A 745 7.19 21.08 9.70
CA PRO A 745 6.99 21.18 11.14
C PRO A 745 7.62 20.02 11.87
N LEU A 746 8.24 20.30 13.00
CA LEU A 746 8.85 19.31 13.86
C LEU A 746 8.37 19.48 15.30
N GLN A 747 8.58 18.46 16.12
CA GLN A 747 8.23 18.52 17.53
C GLN A 747 9.32 17.84 18.34
N GLY A 748 9.43 18.24 19.61
CA GLY A 748 10.47 17.76 20.51
C GLY A 748 10.32 16.31 20.88
N PRO A 749 11.31 15.76 21.60
CA PRO A 749 11.44 14.32 21.73
C PRO A 749 10.54 13.71 22.77
N GLY A 750 10.38 12.40 22.69
CA GLY A 750 9.70 11.63 23.72
C GLY A 750 9.91 10.16 23.46
N LEU A 751 9.75 9.32 24.48
CA LEU A 751 9.79 7.88 24.28
C LEU A 751 8.45 7.32 23.78
N THR A 752 7.41 8.16 23.82
CA THR A 752 6.10 7.85 23.23
C THR A 752 5.54 9.11 22.57
N THR A 753 4.50 8.95 21.75
CA THR A 753 3.77 10.11 21.21
C THR A 753 2.94 10.81 22.27
N THR A 754 2.58 10.09 23.31
CA THR A 754 1.88 10.69 24.42
C THR A 754 2.78 11.77 25.05
N GLU A 755 4.05 11.46 25.19
CA GLU A 755 5.07 12.42 25.64
C GLU A 755 5.42 13.47 24.58
N SER A 756 5.75 13.02 23.36
CA SER A 756 6.24 13.93 22.32
C SER A 756 5.22 15.00 21.91
N ARG A 757 3.93 14.62 21.89
CA ARG A 757 2.86 15.53 21.49
C ARG A 757 2.73 16.74 22.44
N GLN A 758 3.32 16.64 23.63
CA GLN A 758 3.27 17.73 24.61
C GLN A 758 4.47 18.66 24.51
N GLN A 759 5.41 18.36 23.61
CA GLN A 759 6.63 19.12 23.50
C GLN A 759 6.44 20.36 22.64
N PRO A 760 7.33 21.36 22.80
CA PRO A 760 7.31 22.47 21.88
C PRO A 760 7.64 22.03 20.46
N MET A 761 7.24 22.83 19.50
CA MET A 761 7.48 22.57 18.10
C MET A 761 8.55 23.48 17.50
N ALA A 762 8.95 23.13 16.28
CA ALA A 762 9.92 23.91 15.50
C ALA A 762 9.54 23.91 14.03
N LEU A 763 10.10 24.85 13.28
CA LEU A 763 10.03 24.79 11.83
C LEU A 763 11.42 24.68 11.22
N ALA A 764 11.54 23.85 10.18
CA ALA A 764 12.71 23.87 9.31
C ALA A 764 12.27 24.53 8.00
N VAL A 765 12.93 25.62 7.65
CA VAL A 765 12.52 26.46 6.52
C VAL A 765 13.61 26.44 5.47
N ALA A 766 13.35 25.74 4.37
CA ALA A 766 14.32 25.58 3.31
C ALA A 766 14.05 26.62 2.21
N LEU A 767 14.84 27.68 2.16
CA LEU A 767 14.60 28.76 1.22
C LEU A 767 15.04 28.40 -0.18
N THR A 768 14.26 28.82 -1.15
CA THR A 768 14.71 28.84 -2.53
C THR A 768 15.77 29.94 -2.60
N LYS A 769 16.50 29.97 -3.71
CA LYS A 769 17.47 31.05 -3.95
C LYS A 769 16.78 32.41 -3.88
N GLY A 770 15.55 32.50 -4.35
CA GLY A 770 14.77 33.74 -4.26
C GLY A 770 14.15 34.04 -2.90
N GLY A 771 14.44 33.21 -1.90
CA GLY A 771 13.99 33.45 -0.52
C GLY A 771 12.58 32.98 -0.17
N GLU A 772 12.05 32.03 -0.94
CA GLU A 772 10.64 31.60 -0.77
C GLU A 772 10.57 30.21 -0.18
N ALA A 773 9.51 29.95 0.58
CA ALA A 773 9.19 28.59 1.01
C ALA A 773 7.75 28.51 1.54
N ARG A 774 7.18 27.32 1.45
CA ARG A 774 5.82 27.08 1.92
C ARG A 774 5.75 25.71 2.56
N GLY A 775 4.87 25.58 3.55
CA GLY A 775 4.56 24.31 4.15
C GLY A 775 3.31 24.40 4.99
N GLU A 776 3.02 23.34 5.74
CA GLU A 776 1.81 23.32 6.54
C GLU A 776 1.80 22.30 7.67
N LEU A 777 0.86 22.49 8.57
CA LEU A 777 0.67 21.59 9.71
C LEU A 777 -0.81 21.31 9.89
N PHE A 778 -1.14 20.04 10.03
CA PHE A 778 -2.47 19.60 10.40
C PHE A 778 -2.37 19.01 11.80
N TRP A 779 -3.26 19.44 12.69
CA TRP A 779 -3.23 18.93 14.08
C TRP A 779 -4.65 18.66 14.56
N ASP A 780 -4.85 17.51 15.20
CA ASP A 780 -6.10 17.21 15.90
C ASP A 780 -5.75 16.44 17.18
N ASP A 781 -6.73 15.80 17.82
CA ASP A 781 -6.45 15.13 19.09
C ASP A 781 -5.72 13.81 18.91
N GLY A 782 -5.48 13.41 17.65
CA GLY A 782 -4.70 12.23 17.37
C GLY A 782 -5.44 10.90 17.33
N GLU A 783 -6.73 10.88 17.69
CA GLU A 783 -7.47 9.61 17.90
C GLU A 783 -8.96 9.59 17.55
N SER A 784 -9.64 10.73 17.65
CA SER A 784 -11.08 10.75 17.51
C SER A 784 -11.53 10.48 16.10
N LEU A 785 -12.75 9.96 16.02
CA LEU A 785 -13.44 9.76 14.76
C LEU A 785 -14.10 11.04 14.32
N GLU A 786 -14.29 11.17 13.00
CA GLU A 786 -15.11 12.24 12.40
C GLU A 786 -14.57 13.62 12.67
N VAL A 787 -13.24 13.73 12.75
CA VAL A 787 -12.57 14.99 13.03
C VAL A 787 -12.82 16.06 11.96
N LEU A 788 -12.63 15.70 10.70
CA LEU A 788 -12.80 16.66 9.60
C LEU A 788 -14.26 17.09 9.48
N GLU A 789 -15.17 16.12 9.46
CA GLU A 789 -16.60 16.41 9.45
C GLU A 789 -17.02 17.33 10.62
N ARG A 790 -16.48 17.09 11.81
CA ARG A 790 -16.85 17.90 12.97
C ARG A 790 -16.02 19.18 13.05
N GLY A 791 -14.97 19.27 12.26
CA GLY A 791 -14.12 20.45 12.27
C GLY A 791 -13.22 20.58 13.50
N ALA A 792 -12.87 19.45 14.10
CA ALA A 792 -12.16 19.43 15.38
C ALA A 792 -10.65 19.34 15.16
N TYR A 793 -10.13 20.30 14.39
CA TYR A 793 -8.74 20.31 14.00
C TYR A 793 -8.23 21.73 13.81
N THR A 794 -6.90 21.82 13.76
CA THR A 794 -6.22 23.06 13.46
C THR A 794 -5.40 22.83 12.20
N GLN A 795 -5.37 23.82 11.34
CA GLN A 795 -4.68 23.71 10.06
C GLN A 795 -4.00 25.04 9.79
N VAL A 796 -2.68 25.01 9.62
CA VAL A 796 -1.87 26.21 9.52
C VAL A 796 -0.93 26.07 8.33
N ILE A 797 -0.79 27.16 7.59
CA ILE A 797 0.14 27.26 6.48
C ILE A 797 1.29 28.17 6.93
N PHE A 798 2.51 27.79 6.56
CA PHE A 798 3.70 28.60 6.81
C PHE A 798 4.26 29.13 5.49
N LEU A 799 4.68 30.39 5.49
CA LEU A 799 5.21 31.06 4.29
C LEU A 799 6.44 31.87 4.59
N ALA A 800 7.53 31.58 3.86
CA ALA A 800 8.73 32.41 3.86
C ALA A 800 8.80 33.20 2.58
N ARG A 801 9.11 34.50 2.72
CA ARG A 801 9.20 35.41 1.60
C ARG A 801 9.89 36.69 2.06
N ASN A 802 10.82 37.17 1.24
CA ASN A 802 11.48 38.45 1.51
C ASN A 802 11.94 38.60 2.96
N ASN A 803 12.67 37.59 3.46
CA ASN A 803 13.26 37.62 4.79
C ASN A 803 12.24 37.69 5.92
N THR A 804 11.07 37.10 5.69
CA THR A 804 10.03 36.98 6.69
C THR A 804 9.45 35.58 6.67
N ILE A 805 8.99 35.13 7.82
CA ILE A 805 8.24 33.89 7.96
C ILE A 805 6.94 34.22 8.70
N VAL A 806 5.81 33.81 8.12
CA VAL A 806 4.51 33.98 8.75
C VAL A 806 3.72 32.70 8.70
N ASN A 807 2.72 32.64 9.57
CA ASN A 807 1.73 31.60 9.48
C ASN A 807 0.41 32.17 8.95
N GLU A 808 -0.35 31.33 8.29
CA GLU A 808 -1.66 31.71 7.81
C GLU A 808 -2.61 30.68 8.42
N LEU A 809 -3.61 31.17 9.12
CA LEU A 809 -4.49 30.33 9.92
C LEU A 809 -5.65 29.87 9.04
N VAL A 810 -5.60 28.63 8.55
CA VAL A 810 -6.69 28.09 7.76
C VAL A 810 -7.84 27.69 8.69
N ARG A 811 -7.52 27.00 9.78
CA ARG A 811 -8.52 26.74 10.81
C ARG A 811 -7.83 26.63 12.15
N VAL A 812 -8.44 27.21 13.19
CA VAL A 812 -7.91 27.07 14.54
C VAL A 812 -9.06 26.65 15.48
N THR A 813 -8.83 25.59 16.23
CA THR A 813 -9.76 25.13 17.26
C THR A 813 -8.96 24.73 18.49
N SER A 814 -9.67 24.27 19.53
CA SER A 814 -9.05 23.92 20.83
C SER A 814 -7.90 22.94 20.68
N GLU A 815 -8.09 21.93 19.84
CA GLU A 815 -6.99 21.02 19.49
C GLU A 815 -6.03 21.72 18.55
N GLY A 816 -4.92 22.19 19.11
CA GLY A 816 -3.87 22.80 18.31
C GLY A 816 -3.62 24.27 18.58
N ALA A 817 -4.63 24.98 19.05
CA ALA A 817 -4.50 26.43 19.18
C ALA A 817 -3.26 26.79 20.00
N GLY A 818 -3.10 26.10 21.14
CA GLY A 818 -1.98 26.31 22.06
C GLY A 818 -0.66 25.54 21.82
N LEU A 819 -0.44 25.04 20.61
CA LEU A 819 0.88 24.48 20.24
C LEU A 819 1.97 25.56 20.28
N GLN A 820 3.05 25.26 21.01
CA GLN A 820 4.15 26.21 21.22
C GLN A 820 5.23 26.04 20.17
N LEU A 821 5.50 27.13 19.45
CA LEU A 821 6.60 27.17 18.50
C LEU A 821 7.77 27.85 19.19
N GLN A 822 8.88 27.13 19.36
CA GLN A 822 10.03 27.65 20.10
CA GLN A 822 10.03 27.63 20.11
C GLN A 822 11.31 27.77 19.29
N LYS A 823 11.33 27.20 18.08
CA LYS A 823 12.52 27.23 17.27
C LYS A 823 12.18 27.35 15.79
N VAL A 824 12.89 28.23 15.09
CA VAL A 824 12.81 28.34 13.63
C VAL A 824 14.21 28.25 13.05
N THR A 825 14.42 27.23 12.23
CA THR A 825 15.69 27.00 11.60
C THR A 825 15.53 27.28 10.10
N VAL A 826 16.30 28.24 9.60
CA VAL A 826 16.19 28.68 8.23
C VAL A 826 17.44 28.26 7.46
N LEU A 827 17.25 27.50 6.39
CA LEU A 827 18.35 27.00 5.58
C LEU A 827 18.48 27.83 4.30
N GLY A 828 19.73 28.05 3.88
CA GLY A 828 20.02 28.88 2.70
C GLY A 828 19.99 30.39 2.95
N VAL A 829 20.40 30.81 4.13
CA VAL A 829 20.56 32.24 4.43
C VAL A 829 21.99 32.59 4.10
N ALA A 830 22.17 33.36 3.02
CA ALA A 830 23.50 33.56 2.43
C ALA A 830 24.40 34.44 3.30
N THR A 831 23.83 35.42 3.99
CA THR A 831 24.65 36.34 4.78
C THR A 831 24.13 36.51 6.20
N ALA A 832 25.08 36.70 7.13
CA ALA A 832 24.77 36.87 8.54
C ALA A 832 23.80 38.02 8.72
N PRO A 833 22.69 37.79 9.46
CA PRO A 833 21.82 38.91 9.74
C PRO A 833 22.36 39.77 10.87
N GLN A 834 22.05 41.05 10.81
CA GLN A 834 22.39 41.98 11.88
C GLN A 834 21.29 42.01 12.94
N GLN A 835 20.06 41.71 12.55
CA GLN A 835 18.98 41.59 13.52
C GLN A 835 17.95 40.54 13.12
N VAL A 836 17.36 39.93 14.13
CA VAL A 836 16.30 38.95 13.94
C VAL A 836 15.18 39.37 14.88
N LEU A 837 13.98 39.53 14.32
CA LEU A 837 12.83 40.00 15.08
C LEU A 837 11.76 38.91 15.11
N SER A 838 11.05 38.83 16.23
CA SER A 838 9.82 38.04 16.37
C SER A 838 8.72 39.00 16.78
N ASN A 839 7.70 39.13 15.93
CA ASN A 839 6.64 40.10 16.13
C ASN A 839 7.17 41.50 16.45
N GLY A 840 8.24 41.89 15.77
CA GLY A 840 8.77 43.25 15.88
C GLY A 840 9.81 43.50 16.95
N VAL A 841 10.11 42.49 17.76
CA VAL A 841 11.02 42.65 18.89
C VAL A 841 12.21 41.74 18.68
N PRO A 842 13.44 42.26 18.87
CA PRO A 842 14.65 41.43 18.77
C PRO A 842 14.51 40.14 19.56
N VAL A 843 14.87 39.00 18.97
CA VAL A 843 14.72 37.72 19.67
C VAL A 843 15.77 37.58 20.78
N SER A 844 15.47 36.73 21.77
CA SER A 844 16.39 36.50 22.89
C SER A 844 17.68 35.82 22.45
N ASN A 845 17.62 34.98 21.41
CA ASN A 845 18.77 34.23 20.96
C ASN A 845 18.63 33.70 19.53
N PHE A 846 19.68 33.89 18.74
CA PHE A 846 19.81 33.22 17.46
C PHE A 846 21.28 32.93 17.23
N THR A 847 21.56 31.99 16.33
CA THR A 847 22.91 31.75 15.85
C THR A 847 22.88 31.66 14.33
N TYR A 848 23.98 32.06 13.71
CA TYR A 848 24.16 31.95 12.26
C TYR A 848 25.49 31.26 11.98
N SER A 849 25.47 30.24 11.14
CA SER A 849 26.68 29.53 10.74
C SER A 849 27.05 29.88 9.30
N PRO A 850 28.14 30.66 9.10
CA PRO A 850 28.55 31.04 7.74
C PRO A 850 28.95 29.87 6.86
N ASP A 851 29.40 28.78 7.48
CA ASP A 851 29.76 27.57 6.74
C ASP A 851 28.54 26.84 6.15
N THR A 852 27.48 26.70 6.93
CA THR A 852 26.31 25.93 6.51
C THR A 852 25.17 26.79 5.97
N LYS A 853 25.29 28.12 6.11
CA LYS A 853 24.23 29.06 5.70
C LYS A 853 22.94 28.87 6.49
N VAL A 854 23.06 28.44 7.74
CA VAL A 854 21.89 28.14 8.57
C VAL A 854 21.71 29.21 9.64
N LEU A 855 20.49 29.74 9.70
CA LEU A 855 20.07 30.69 10.74
C LEU A 855 19.13 29.97 11.71
N ASP A 856 19.55 29.86 12.97
CA ASP A 856 18.79 29.14 13.98
C ASP A 856 18.27 30.15 14.97
N ILE A 857 16.95 30.21 15.14
CA ILE A 857 16.26 31.27 15.88
C ILE A 857 15.43 30.69 17.03
N CSO A 858 15.64 31.20 18.24
CA CSO A 858 14.77 30.87 19.39
CB CSO A 858 15.51 30.97 20.73
SG CSO A 858 16.81 29.77 20.88
C CSO A 858 13.63 31.84 19.40
O CSO A 858 13.83 33.05 19.27
OD CSO A 858 16.14 28.22 20.44
N VAL A 859 12.40 31.31 19.56
CA VAL A 859 11.19 32.12 19.63
C VAL A 859 10.24 31.59 20.72
N SER A 860 9.18 32.34 20.99
CA SER A 860 8.11 31.97 21.92
C SER A 860 6.79 32.34 21.29
N LEU A 861 6.35 31.51 20.36
CA LEU A 861 5.17 31.80 19.55
C LEU A 861 4.19 30.64 19.64
N LEU A 862 2.98 30.86 19.13
CA LEU A 862 1.93 29.85 19.13
C LEU A 862 1.51 29.56 17.70
N MET A 863 1.34 28.28 17.36
CA MET A 863 0.97 27.92 15.98
C MET A 863 -0.37 28.51 15.58
N GLY A 864 -1.25 28.65 16.56
CA GLY A 864 -2.61 29.11 16.32
C GLY A 864 -2.80 30.61 16.36
N GLU A 865 -1.73 31.38 16.48
CA GLU A 865 -1.83 32.84 16.46
C GLU A 865 -0.87 33.43 15.46
N GLN A 866 -1.36 34.39 14.70
CA GLN A 866 -0.58 34.97 13.62
C GLN A 866 0.71 35.58 14.14
N PHE A 867 1.83 35.14 13.59
CA PHE A 867 3.12 35.69 13.93
C PHE A 867 3.86 36.19 12.69
N LEU A 868 4.91 36.96 12.93
CA LEU A 868 5.83 37.38 11.88
C LEU A 868 7.25 37.37 12.42
N VAL A 869 8.09 36.55 11.82
CA VAL A 869 9.52 36.50 12.14
C VAL A 869 10.27 37.10 10.96
N SER A 870 11.24 37.97 11.22
CA SER A 870 12.03 38.58 10.14
C SER A 870 13.49 38.74 10.50
N TRP A 871 14.33 38.90 9.48
CA TRP A 871 15.75 39.16 9.67
C TRP A 871 16.30 40.05 8.57
N CYS A 872 17.42 40.69 8.85
CA CYS A 872 18.13 41.48 7.86
C CYS A 872 19.56 41.70 8.33
C1 NAG B . -29.69 -4.40 -33.81
C2 NAG B . -29.93 -5.88 -33.54
C3 NAG B . -30.95 -6.43 -34.53
C4 NAG B . -32.24 -5.61 -34.56
C5 NAG B . -31.92 -4.11 -34.68
C6 NAG B . -33.16 -3.24 -34.49
C7 NAG B . -28.16 -7.36 -32.69
C8 NAG B . -26.90 -8.10 -32.95
N2 NAG B . -28.69 -6.63 -33.67
O3 NAG B . -31.22 -7.78 -34.22
O4 NAG B . -33.04 -6.00 -35.68
O5 NAG B . -30.93 -3.71 -33.74
O6 NAG B . -33.71 -3.47 -33.21
O7 NAG B . -28.68 -7.45 -31.59
C1 NAG B . -34.40 -6.29 -35.29
C2 NAG B . -35.33 -6.21 -36.49
C3 NAG B . -36.75 -6.71 -36.16
C4 NAG B . -36.81 -7.93 -35.25
C5 NAG B . -35.79 -7.81 -34.12
C6 NAG B . -35.69 -9.09 -33.29
C7 NAG B . -34.65 -4.37 -37.93
C8 NAG B . -34.85 -2.93 -38.31
N2 NAG B . -35.42 -4.85 -36.97
O3 NAG B . -37.42 -7.00 -37.37
O4 NAG B . -38.11 -8.03 -34.72
O5 NAG B . -34.51 -7.57 -34.71
O6 NAG B . -34.95 -10.03 -34.04
O7 NAG B . -33.79 -5.05 -38.51
C1 FUC B . -34.91 -2.69 -32.99
C2 FUC B . -35.73 -3.33 -31.88
C3 FUC B . -35.04 -3.14 -30.54
C4 FUC B . -34.69 -1.69 -30.29
C5 FUC B . -33.91 -1.12 -31.47
C6 FUC B . -33.62 0.37 -31.29
O2 FUC B . -35.90 -4.71 -32.15
O3 FUC B . -35.88 -3.61 -29.51
O4 FUC B . -35.86 -0.92 -30.08
O5 FUC B . -34.64 -1.33 -32.67
C1 NAG C . -5.47 0.06 -32.64
C2 NAG C . -4.95 1.06 -33.67
C3 NAG C . -5.12 0.59 -35.10
C4 NAG C . -4.71 -0.87 -35.29
C5 NAG C . -5.26 -1.73 -34.16
C6 NAG C . -4.71 -3.13 -34.26
C7 NAG C . -4.95 3.43 -33.15
C8 NAG C . -5.71 4.73 -33.12
N2 NAG C . -5.59 2.37 -33.58
O3 NAG C . -4.33 1.42 -35.92
O4 NAG C . -5.32 -1.29 -36.49
O5 NAG C . -4.91 -1.21 -32.89
O6 NAG C . -3.32 -3.12 -34.00
O7 NAG C . -3.78 3.39 -32.75
C1 NAG C . -4.40 -1.64 -37.52
C2 NAG C . -5.22 -2.37 -38.57
C3 NAG C . -4.48 -2.63 -39.88
C4 NAG C . -3.58 -1.46 -40.31
C5 NAG C . -2.85 -0.83 -39.12
C6 NAG C . -2.14 0.46 -39.53
C7 NAG C . -6.92 -3.86 -37.61
C8 NAG C . -7.22 -5.20 -37.01
N2 NAG C . -5.66 -3.62 -37.98
O3 NAG C . -5.44 -2.85 -40.88
O4 NAG C . -2.66 -1.88 -41.30
O5 NAG C . -3.78 -0.51 -38.11
O6 NAG C . -3.10 1.48 -39.72
O7 NAG C . -7.82 -3.03 -37.78
C1 NAG D . 16.35 -7.23 28.84
C2 NAG D . 16.34 -8.64 28.28
C3 NAG D . 16.97 -9.63 29.26
C4 NAG D . 18.30 -9.14 29.82
C5 NAG D . 18.13 -7.70 30.31
C6 NAG D . 19.43 -7.09 30.84
C7 NAG D . 14.41 -8.97 26.83
C8 NAG D . 12.99 -9.45 26.71
N2 NAG D . 14.98 -9.08 28.02
O3 NAG D . 17.10 -10.87 28.61
O4 NAG D . 18.66 -9.94 30.94
O5 NAG D . 17.67 -6.90 29.24
O6 NAG D . 20.35 -7.03 29.78
O7 NAG D . 14.99 -8.49 25.85
C1 NAG D . 19.86 -10.71 30.71
C2 NAG D . 20.45 -11.08 32.07
C3 NAG D . 21.47 -12.23 32.02
C4 NAG D . 21.17 -13.30 30.98
C5 NAG D . 20.67 -12.69 29.68
C6 NAG D . 20.23 -13.77 28.70
C7 NAG D . 20.50 -9.19 33.65
C8 NAG D . 21.26 -7.99 34.15
N2 NAG D . 21.07 -9.90 32.68
O3 NAG D . 21.50 -12.86 33.27
O4 NAG D . 22.33 -14.05 30.72
O5 NAG D . 19.56 -11.85 29.94
O6 NAG D . 20.46 -13.33 27.38
O7 NAG D . 19.40 -9.44 34.15
C1 NAG E . -18.19 -30.78 4.74
C2 NAG E . -17.66 -32.12 4.24
C3 NAG E . -17.84 -33.24 5.28
C4 NAG E . -17.28 -32.80 6.62
C5 NAG E . -17.86 -31.44 7.01
C6 NAG E . -17.28 -30.92 8.31
C7 NAG E . -17.64 -32.63 1.86
C8 NAG E . -18.41 -33.09 0.64
N2 NAG E . -18.30 -32.55 3.02
O3 NAG E . -17.26 -34.46 4.85
O4 NAG E . -17.58 -33.73 7.66
O5 NAG E . -17.59 -30.49 6.00
O6 NAG E . -18.03 -29.80 8.70
O7 NAG E . -16.44 -32.36 1.74
C1 NAG E . -16.61 -34.79 7.80
C2 NAG E . -16.42 -35.05 9.28
C3 NAG E . -15.51 -36.25 9.55
C4 NAG E . -15.93 -37.44 8.72
C5 NAG E . -16.07 -37.02 7.25
C6 NAG E . -16.54 -38.20 6.43
C7 NAG E . -16.37 -33.43 11.07
C8 NAG E . -15.71 -32.25 11.71
N2 NAG E . -15.83 -33.91 9.96
O3 NAG E . -15.57 -36.58 10.91
O4 NAG E . -14.91 -38.41 8.82
O5 NAG E . -17.02 -35.97 7.12
O6 NAG E . -16.77 -37.75 5.11
O7 NAG E . -17.40 -33.92 11.53
C1 BMA E . -15.34 -39.61 9.53
C2 BMA E . -14.65 -40.81 8.90
C3 BMA E . -15.05 -42.10 9.60
C4 BMA E . -14.75 -41.98 11.08
C5 BMA E . -15.39 -40.72 11.67
C6 BMA E . -14.98 -40.57 13.12
O2 BMA E . -13.25 -40.61 9.04
O3 BMA E . -14.35 -43.22 9.02
O4 BMA E . -15.24 -43.14 11.76
O5 BMA E . -15.02 -39.55 10.93
O6 BMA E . -15.00 -39.19 13.52
C1 NAG F . 19.92 -18.35 13.49
C2 NAG F . 20.06 -19.54 12.52
C3 NAG F . 19.73 -20.85 13.25
C4 NAG F . 20.61 -20.98 14.50
C5 NAG F . 20.44 -19.72 15.35
C6 NAG F . 21.35 -19.79 16.58
C7 NAG F . 19.60 -19.24 10.10
C8 NAG F . 18.53 -19.17 9.05
N2 NAG F . 19.18 -19.43 11.37
O3 NAG F . 19.95 -21.94 12.38
O4 NAG F . 20.28 -22.15 15.20
O5 NAG F . 20.76 -18.56 14.59
O6 NAG F . 22.68 -19.65 16.12
O7 NAG F . 20.79 -19.15 9.77
C1 FUC F . 23.64 -20.02 17.14
C2 FUC F . 25.00 -20.19 16.47
C3 FUC F . 25.41 -18.86 15.83
C4 FUC F . 25.48 -17.80 16.93
C5 FUC F . 24.21 -17.77 17.79
C6 FUC F . 24.38 -16.91 19.04
O2 FUC F . 24.95 -21.20 15.49
O3 FUC F . 26.63 -18.99 15.14
O4 FUC F . 26.60 -18.05 17.76
O5 FUC F . 23.76 -19.06 18.19
OAA MIG G . 2.16 -19.43 10.03
OAB MIG G . 1.80 -15.74 13.68
OAC MIG G . 3.48 -13.37 8.39
OAD MIG G . 4.48 -12.20 10.86
OAE MIG G . 4.98 -14.01 12.97
CAF MIG G . 2.89 -18.26 10.41
CAG MIG G . 3.08 -16.26 13.30
CAH MIG G . 1.88 -17.19 10.82
CAI MIG G . 2.88 -15.34 9.62
CAJ MIG G . 3.15 -13.85 9.70
CAK MIG G . 4.26 -13.60 10.71
CAL MIG G . 3.89 -14.20 12.06
CAM MIG G . 3.53 -15.70 11.95
NAN MIG G . 2.45 -15.82 10.94
S SO4 H . -13.33 12.34 8.78
O1 SO4 H . -12.59 12.40 7.51
O2 SO4 H . -14.48 13.29 8.79
O3 SO4 H . -12.46 12.73 9.90
O4 SO4 H . -13.76 10.96 9.02
S SO4 I . 22.16 -10.87 1.00
O1 SO4 I . 21.09 -10.26 0.19
O2 SO4 I . 22.07 -12.33 0.84
O3 SO4 I . 23.44 -10.35 0.48
O4 SO4 I . 22.09 -10.58 2.48
S SO4 J . -8.05 -27.52 -29.19
O1 SO4 J . -8.71 -26.35 -29.82
O2 SO4 J . -8.83 -28.73 -29.51
O3 SO4 J . -6.68 -27.65 -29.75
O4 SO4 J . -7.98 -27.37 -27.72
S SO4 K . 26.65 3.17 -4.89
O1 SO4 K . 26.59 2.81 -6.33
O2 SO4 K . 25.28 3.56 -4.45
O3 SO4 K . 27.19 2.03 -4.11
O4 SO4 K . 27.56 4.34 -4.70
S SO4 L . 16.29 26.89 -5.80
O1 SO4 L . 15.26 27.90 -6.07
O2 SO4 L . 15.68 25.53 -5.68
O3 SO4 L . 17.27 26.86 -6.91
O4 SO4 L . 16.98 27.26 -4.54
CL CL M . 5.27 -29.54 -33.32
CL CL N . -22.42 -15.42 -7.93
CL CL O . -4.14 15.64 -20.75
C1 EDO P . -17.44 15.46 -17.66
O1 EDO P . -17.83 16.16 -16.48
C2 EDO P . -18.24 14.17 -17.76
O2 EDO P . -17.86 13.41 -18.90
C1 EDO Q . -4.85 18.03 -30.87
O1 EDO Q . -4.86 19.44 -31.13
C2 EDO Q . -3.82 17.34 -31.76
O2 EDO Q . -3.63 15.97 -31.35
C1 EDO R . 18.02 1.84 -8.97
O1 EDO R . 19.00 1.21 -8.15
C2 EDO R . 17.91 3.32 -8.63
O2 EDO R . 16.94 3.53 -7.61
C1 EDO S . -3.33 4.74 25.85
O1 EDO S . -4.43 4.59 26.75
C2 EDO S . -2.22 5.65 26.41
O2 EDO S . -2.67 7.01 26.59
C1 EDO T . -0.81 -30.09 8.26
O1 EDO T . -1.03 -30.42 9.64
C2 EDO T . 0.67 -30.09 7.94
O2 EDO T . 1.12 -28.76 7.73
C1 EDO U . -25.14 -17.57 -25.72
O1 EDO U . -23.72 -17.62 -25.54
C2 EDO U . -25.69 -16.26 -25.18
O2 EDO U . -24.85 -15.20 -25.61
C1 EDO V . -13.25 -1.77 -4.83
O1 EDO V . -13.04 -2.67 -3.74
C2 EDO V . -14.22 -0.65 -4.44
O2 EDO V . -14.83 -0.08 -5.60
C1 EDO W . 12.75 -15.85 21.65
O1 EDO W . 13.90 -16.67 21.49
C2 EDO W . 12.44 -15.65 23.12
O2 EDO W . 12.53 -14.24 23.42
C1 EDO X . 2.52 -20.75 -41.14
O1 EDO X . 3.67 -20.46 -40.34
C2 EDO X . 1.30 -20.37 -40.32
O2 EDO X . 1.11 -21.28 -39.24
C1 EDO Y . 2.08 40.52 12.91
O1 EDO Y . 2.50 40.11 14.22
C2 EDO Y . 0.73 39.88 12.58
O2 EDO Y . 0.76 39.24 11.29
C1 EDO Z . 23.03 9.93 22.13
O1 EDO Z . 22.82 9.28 23.39
C2 EDO Z . 23.71 8.96 21.16
O2 EDO Z . 22.80 7.89 20.88
C1 EDO AA . 7.99 2.49 -26.45
O1 EDO AA . 6.63 2.82 -26.74
C2 EDO AA . 8.45 1.50 -27.50
O2 EDO AA . 9.64 0.81 -27.06
C1 EDO BA . 12.51 20.75 17.52
O1 EDO BA . 13.26 19.56 17.27
C2 EDO BA . 11.72 20.67 18.81
O2 EDO BA . 11.80 21.91 19.53
C1 PGE CA . -21.95 -0.69 -13.85
O1 PGE CA . -21.47 -1.87 -13.17
C2 PGE CA . -21.93 -0.92 -15.36
O2 PGE CA . -22.97 -0.18 -15.99
C3 PGE CA . -23.58 -0.80 -17.13
C4 PGE CA . -25.08 -0.97 -16.89
O3 PGE CA . -25.51 -2.27 -17.32
C1 PGE DA . -9.30 -22.12 -39.50
O1 PGE DA . -9.25 -23.53 -39.34
C2 PGE DA . -8.42 -21.75 -40.68
O2 PGE DA . -8.11 -20.36 -40.63
C3 PGE DA . -6.69 -20.15 -40.60
C4 PGE DA . -6.38 -18.65 -40.57
O4 PGE DA . -2.27 -20.50 -40.19
C6 PGE DA . -3.69 -20.36 -40.27
C5 PGE DA . -4.12 -18.97 -39.85
O3 PGE DA . -4.99 -18.42 -40.84
C1 PGE EA . 2.25 -22.12 5.21
O1 PGE EA . 3.43 -21.87 5.98
C2 PGE EA . 2.66 -22.59 3.81
O2 PGE EA . 1.70 -23.49 3.25
C3 PGE EA . 2.18 -24.26 2.13
C4 PGE EA . 1.75 -25.71 2.29
O3 PGE EA . 2.38 -26.55 1.30
C1 PGE FA . 5.40 22.47 28.65
O1 PGE FA . 6.81 22.57 28.51
C2 PGE FA . 4.78 23.84 28.45
O2 PGE FA . 3.50 23.93 29.09
C3 PGE FA . 2.56 22.93 28.67
C4 PGE FA . 1.21 23.54 28.36
O4 PGE FA . 0.58 24.29 24.96
C6 PGE FA . -0.65 24.36 25.71
C5 PGE FA . -0.65 23.34 26.84
O3 PGE FA . 0.69 22.95 27.17
C1 GOL GA . -15.26 -15.11 23.29
O1 GOL GA . -15.00 -16.17 24.20
C2 GOL GA . -15.17 -13.79 24.05
O2 GOL GA . -16.23 -13.77 25.04
C3 GOL GA . -13.80 -13.66 24.70
O3 GOL GA . -13.81 -12.57 25.63
C1 GOL HA . 3.34 -19.87 -25.33
O1 GOL HA . 2.25 -20.26 -24.46
C2 GOL HA . 3.60 -20.91 -26.43
O2 GOL HA . 4.76 -20.61 -27.22
C3 GOL HA . 2.37 -21.00 -27.34
O3 GOL HA . 2.16 -19.83 -28.15
C1 GOL IA . -30.95 -15.64 16.39
O1 GOL IA . -30.30 -15.26 17.62
C2 GOL IA . -30.14 -15.17 15.19
O2 GOL IA . -29.63 -13.86 15.47
C3 GOL IA . -28.98 -16.16 14.91
O3 GOL IA . -27.82 -15.46 14.42
#